data_6JB3
#
_entry.id   6JB3
#
_cell.length_a   1.00
_cell.length_b   1.00
_cell.length_c   1.00
_cell.angle_alpha   90.00
_cell.angle_beta   90.00
_cell.angle_gamma   90.00
#
_symmetry.space_group_name_H-M   'P 1'
#
loop_
_entity.id
_entity.type
_entity.pdbx_description
1 polymer 'ATP-binding cassette sub-family C member 8 isoform X2'
2 non-polymer Repaglinide
3 non-polymer Digitonin
#
_entity_poly.entity_id   1
_entity_poly.type   'polypeptide(L)'
_entity_poly.pdbx_seq_one_letter_code
;MPLAFCGTENHSAAYRVDQGVLNNGCFVDALNVVPHVFLLFITFPILFIGWGSQSSKVHIHHSTWLHFPGHNLRWILTFI
LLFVLVCEIAEGILSDGVTESRHLHLYMPAGMAFMAAITSVVYYHNIETSNFPKLLIALLIYWTLAFITKTIKFVKFYDH
AIGFSQLRFCLTGLLVILYGMLLLVEVNVIRVRRYIFFKTPREVKPPEDLQDLGVRFLQPFVNLLSKGTYWWMNAFIKTA
HKKPIDLRAIGKLPIAMRALTNYQRLCVAFDAQARKDTQSPQGARAIWRALCHAFGRRLILSSTFRILADLLGFAGPLCI
FGIVDHLGKENHVFQPKTQFLGVYFVSSQEFLGNAYVLAVLLFLALLLQRTFLQASYYVAIETGINLRGAIQTKIYNKIM
HLSTSNLSMGEMTAGQICNLVAIDTNQLMWFFFLCPNLWAMPVQIIVGVILLYYILGVSALIGAAVIILLAPVQYFVATK
LSQAQRSTLEHSNERLKQTNEMLRGMKLLKLYAWESIFCSRVEVTRRKEMTSLRAFAVYTSISIFMNTAIPIAAVLITFV
GHVSFFKESDLSPSVAFASLSLFHILVTPLFLLSSVVRSTVKALVSVQKLSEFLSSAEIREEQCAPREPAPQGQAGKYQA
VPLKVVNRKRPAREEVRDLLGPLQRLAPSMDGDADNFCVQIIGGFFTWTPDGIPTLSNITIRIPRGQLTMIVGQVGCGKS
SLLLATLGEMQKVSGAVFWNSNLPDSEGEDPSSPERETAAGSDIRSRGPVAYASQKPWLLNATVEENITFESPFNKQRYK
MVIEACSLQPDIDILPHGDQTQIGERGINLSGGQRQRISVARALYQQTNVVFLDDPFSALDVHLSDHLMQAGILELLRDD
KRTVVLVTHKLQYLPHADWIIAMKDGTIQREGTLKDFQRSECQLFEHWKTLMNRQDQELEKETVMERKASEPSQGLPRAM
SSRDGLLLDEEEEEEEAAESEEDDNLSSVLHQRAKIPWRACTKYLSSAGILLLSLLVFSQLLKHMVLVAIDYWLAKWTDS
ALVLSPAARNCSLSQECDLDQSVYAMVFTLLCSLGIVLCLVTSVTVEWTGLKVAKRLHRSLLNRIILAPMRFFETTPLGS
ILNRFSSDCNTIDQHIPSTLECLSRSTLLCVSALTVISYVTPVFLVALLPLAVVCYFIQKYFRVASRDLQQLDDTTQLPL
LSHFAETVEGLTTIRAFRYEARFQQKLLEYTDSNNIASLFLTAANRWLEVRMEYIGACVVLIAAATSISNSLHRELSAGL
VGLGLTYALMVSNYLNWMVRNLADMEIQLGAVKRIHALLKTEAESYEGLLAPSLIPKNWPDQGKIQIQNLSVRYDSSLKP
VLKHVNALISPGQKIGICGRTGSGKSSFSLAFFRMVDMFEGRIIIDGIDIAKLPLHTLRSRLSIILQDPVLFSGTIRFNL
DPEKKCSDSTLWEALEIAQLKLVVKALPGGLDAIITEGGENFSQGQRQLFCLARAFVRKTSIFIMDEATASIDMATENIL
QKVVMTAFADRTVVTIAHRVHTILSADLVMVLKRGAILEFDKPETLLSQKDSVFASFVRADK
;
_entity_poly.pdbx_strand_id   B
#
loop_
_chem_comp.id
_chem_comp.type
_chem_comp.name
_chem_comp.formula
AJP non-polymer Digitonin 'C56 H92 O29'
BJX non-polymer Repaglinide 'C27 H36 N2 O4'
#
# COMPACT_ATOMS: atom_id res chain seq x y z
N VAL A 215 -9.33 -22.55 -18.28
CA VAL A 215 -9.85 -21.36 -17.60
C VAL A 215 -10.19 -21.68 -16.15
N ARG A 216 -9.31 -21.29 -15.24
CA ARG A 216 -9.56 -21.46 -13.81
C ARG A 216 -9.81 -20.12 -13.12
N PHE A 217 -9.85 -19.03 -13.88
CA PHE A 217 -10.22 -17.72 -13.35
C PHE A 217 -11.69 -17.43 -13.67
N LEU A 218 -12.57 -18.20 -13.02
CA LEU A 218 -14.00 -18.08 -13.28
C LEU A 218 -14.63 -16.98 -12.43
N GLN A 219 -14.04 -15.79 -12.44
CA GLN A 219 -14.63 -14.65 -11.75
C GLN A 219 -15.84 -14.13 -12.51
N PRO A 220 -15.83 -14.02 -13.84
CA PRO A 220 -17.07 -13.62 -14.54
C PRO A 220 -18.17 -14.66 -14.45
N PHE A 221 -17.83 -15.94 -14.34
CA PHE A 221 -18.79 -17.03 -14.53
C PHE A 221 -19.34 -17.55 -13.20
N VAL A 222 -19.83 -16.68 -12.32
CA VAL A 222 -20.54 -17.14 -11.12
C VAL A 222 -21.69 -16.18 -10.81
N ASN A 223 -22.62 -16.67 -10.00
CA ASN A 223 -23.71 -15.87 -9.46
C ASN A 223 -23.19 -14.65 -8.71
N LEU A 224 -23.98 -13.59 -8.73
CA LEU A 224 -23.53 -12.27 -8.28
C LEU A 224 -22.98 -12.29 -6.85
N LEU A 225 -23.46 -13.20 -6.01
CA LEU A 225 -22.94 -13.24 -4.64
C LEU A 225 -21.48 -13.67 -4.62
N SER A 226 -21.13 -14.73 -5.36
CA SER A 226 -19.74 -15.16 -5.33
C SER A 226 -18.86 -14.27 -6.20
N LYS A 227 -19.41 -13.62 -7.23
CA LYS A 227 -18.69 -12.48 -7.82
C LYS A 227 -18.37 -11.45 -6.75
N GLY A 228 -19.30 -11.22 -5.81
CA GLY A 228 -19.08 -10.19 -4.80
C GLY A 228 -18.17 -10.57 -3.64
N THR A 229 -18.16 -11.84 -3.26
CA THR A 229 -17.38 -12.30 -2.12
C THR A 229 -16.20 -13.18 -2.54
N TYR A 230 -15.92 -13.27 -3.86
CA TYR A 230 -14.82 -14.06 -4.40
C TYR A 230 -14.78 -15.44 -3.78
N TRP A 231 -15.96 -16.08 -3.76
CA TRP A 231 -16.09 -17.33 -3.02
C TRP A 231 -15.45 -18.49 -3.75
N TRP A 232 -15.39 -18.42 -5.09
CA TRP A 232 -14.72 -19.47 -5.85
C TRP A 232 -13.26 -19.60 -5.44
N MET A 233 -12.58 -18.46 -5.27
CA MET A 233 -11.18 -18.41 -4.86
C MET A 233 -10.88 -19.37 -3.71
N ASN A 234 -11.86 -19.54 -2.82
CA ASN A 234 -11.71 -20.48 -1.72
C ASN A 234 -11.12 -21.80 -2.18
N ALA A 235 -11.83 -22.49 -3.08
CA ALA A 235 -11.30 -23.74 -3.63
C ALA A 235 -9.86 -23.57 -4.07
N PHE A 236 -9.62 -22.62 -4.97
CA PHE A 236 -8.27 -22.38 -5.44
C PHE A 236 -7.30 -22.27 -4.28
N ILE A 237 -7.58 -21.35 -3.34
CA ILE A 237 -6.64 -21.10 -2.27
C ILE A 237 -6.37 -22.38 -1.49
N LYS A 238 -7.42 -23.18 -1.22
CA LYS A 238 -7.18 -24.41 -0.48
C LYS A 238 -6.21 -25.32 -1.24
N THR A 239 -6.46 -25.54 -2.53
CA THR A 239 -5.49 -26.27 -3.33
C THR A 239 -4.12 -25.61 -3.26
N ALA A 240 -4.08 -24.29 -3.43
CA ALA A 240 -2.81 -23.58 -3.43
C ALA A 240 -2.10 -23.64 -2.08
N HIS A 241 -2.72 -24.17 -1.04
CA HIS A 241 -2.01 -24.35 0.20
C HIS A 241 -1.29 -25.70 0.26
N LYS A 242 -1.87 -26.73 -0.37
CA LYS A 242 -1.25 -28.06 -0.29
C LYS A 242 -0.05 -28.18 -1.22
N LYS A 243 -0.28 -28.05 -2.52
CA LYS A 243 0.79 -28.12 -3.51
C LYS A 243 1.02 -26.75 -4.13
N PRO A 244 2.25 -26.44 -4.52
CA PRO A 244 2.57 -25.08 -5.00
C PRO A 244 1.80 -24.74 -6.27
N ILE A 245 1.83 -23.45 -6.60
CA ILE A 245 1.08 -22.91 -7.73
C ILE A 245 1.98 -22.94 -8.96
N ASP A 246 1.51 -23.59 -10.03
CA ASP A 246 2.21 -23.68 -11.30
C ASP A 246 1.35 -23.05 -12.39
N LEU A 247 1.99 -22.79 -13.53
CA LEU A 247 1.28 -22.22 -14.68
C LEU A 247 0.25 -23.19 -15.25
N ARG A 248 0.19 -24.42 -14.75
CA ARG A 248 -0.90 -25.32 -15.05
C ARG A 248 -2.04 -25.18 -14.05
N ALA A 249 -1.72 -24.84 -12.80
CA ALA A 249 -2.76 -24.67 -11.77
C ALA A 249 -3.52 -23.38 -11.99
N ILE A 250 -2.82 -22.28 -12.27
CA ILE A 250 -3.49 -21.04 -12.66
C ILE A 250 -4.16 -21.27 -14.01
N GLY A 251 -5.34 -20.67 -14.17
CA GLY A 251 -6.11 -20.86 -15.38
C GLY A 251 -5.53 -20.13 -16.57
N LYS A 252 -6.29 -20.22 -17.66
CA LYS A 252 -6.11 -19.38 -18.83
C LYS A 252 -7.21 -18.33 -18.83
N LEU A 253 -6.87 -17.11 -19.24
CA LEU A 253 -7.82 -16.01 -19.18
C LEU A 253 -9.07 -16.29 -20.01
N PRO A 254 -10.23 -15.79 -19.59
CA PRO A 254 -11.44 -15.91 -20.42
C PRO A 254 -11.30 -15.19 -21.74
N ILE A 255 -12.28 -15.42 -22.62
CA ILE A 255 -12.30 -14.72 -23.91
C ILE A 255 -12.52 -13.23 -23.71
N ALA A 256 -13.29 -12.85 -22.67
CA ALA A 256 -13.60 -11.44 -22.45
C ALA A 256 -12.34 -10.62 -22.21
N MET A 257 -11.37 -11.19 -21.50
CA MET A 257 -10.12 -10.49 -21.17
C MET A 257 -8.95 -11.24 -21.80
N ARG A 258 -8.70 -10.96 -23.09
CA ARG A 258 -7.51 -11.43 -23.77
C ARG A 258 -6.79 -10.23 -24.35
N ALA A 259 -5.52 -10.43 -24.72
CA ALA A 259 -4.80 -9.38 -25.41
C ALA A 259 -5.45 -9.07 -26.75
N LEU A 260 -5.93 -10.11 -27.45
CA LEU A 260 -6.55 -9.89 -28.74
C LEU A 260 -7.93 -9.25 -28.60
N THR A 261 -8.72 -9.69 -27.62
CA THR A 261 -10.05 -9.12 -27.43
C THR A 261 -9.98 -7.64 -27.07
N ASN A 262 -9.16 -7.31 -26.06
CA ASN A 262 -9.02 -5.91 -25.67
C ASN A 262 -8.32 -5.08 -26.74
N TYR A 263 -7.37 -5.68 -27.47
CA TYR A 263 -6.73 -4.96 -28.56
C TYR A 263 -7.75 -4.62 -29.65
N GLN A 264 -8.63 -5.56 -30.00
CA GLN A 264 -9.63 -5.28 -31.03
C GLN A 264 -10.65 -4.26 -30.54
N ARG A 265 -11.06 -4.35 -29.26
CA ARG A 265 -11.95 -3.35 -28.69
C ARG A 265 -11.33 -1.97 -28.76
N LEU A 266 -10.05 -1.86 -28.36
CA LEU A 266 -9.38 -0.56 -28.39
C LEU A 266 -9.23 -0.06 -29.82
N CYS A 267 -8.94 -0.96 -30.78
CA CYS A 267 -8.77 -0.52 -32.16
C CYS A 267 -10.09 -0.05 -32.75
N VAL A 268 -11.21 -0.69 -32.37
CA VAL A 268 -12.52 -0.20 -32.78
C VAL A 268 -12.78 1.19 -32.21
N ALA A 269 -12.45 1.38 -30.93
CA ALA A 269 -12.60 2.71 -30.33
C ALA A 269 -11.71 3.74 -31.05
N PHE A 270 -10.50 3.33 -31.44
CA PHE A 270 -9.59 4.22 -32.14
C PHE A 270 -10.13 4.59 -33.51
N ASP A 271 -10.75 3.63 -34.21
CA ASP A 271 -11.38 3.95 -35.49
C ASP A 271 -12.53 4.94 -35.29
N ALA A 272 -13.35 4.72 -34.27
CA ALA A 272 -14.44 5.65 -33.98
C ALA A 272 -13.91 7.04 -33.72
N GLN A 273 -12.80 7.15 -32.97
CA GLN A 273 -12.26 8.47 -32.65
C GLN A 273 -11.60 9.11 -33.86
N ALA A 274 -10.96 8.31 -34.71
CA ALA A 274 -10.32 8.85 -35.90
C ALA A 274 -11.34 9.34 -36.91
N ARG A 275 -12.51 8.69 -36.97
CA ARG A 275 -13.57 9.19 -37.84
C ARG A 275 -14.05 10.58 -37.39
N LYS A 276 -14.06 10.83 -36.09
CA LYS A 276 -14.49 12.12 -35.55
C LYS A 276 -13.30 13.04 -35.34
N GLY A 283 -2.51 12.17 -31.62
CA GLY A 283 -2.67 13.14 -30.55
C GLY A 283 -2.99 12.49 -29.22
N ALA A 284 -2.71 13.19 -28.12
CA ALA A 284 -2.98 12.64 -26.80
C ALA A 284 -4.47 12.60 -26.51
N ARG A 285 -5.20 13.65 -26.89
CA ARG A 285 -6.64 13.69 -26.67
C ARG A 285 -7.32 12.53 -27.39
N ALA A 286 -6.84 12.18 -28.58
CA ALA A 286 -7.40 11.04 -29.31
C ALA A 286 -7.25 9.75 -28.51
N ILE A 287 -6.07 9.53 -27.92
CA ILE A 287 -5.84 8.31 -27.16
C ILE A 287 -6.69 8.30 -25.89
N TRP A 288 -6.81 9.45 -25.21
CA TRP A 288 -7.64 9.49 -24.01
C TRP A 288 -9.09 9.19 -24.34
N ARG A 289 -9.61 9.80 -25.42
CA ARG A 289 -11.00 9.56 -25.79
C ARG A 289 -11.24 8.15 -26.28
N ALA A 290 -10.25 7.54 -26.96
CA ALA A 290 -10.40 6.15 -27.36
C ALA A 290 -10.38 5.22 -26.17
N LEU A 291 -9.51 5.48 -25.19
CA LEU A 291 -9.50 4.67 -23.97
C LEU A 291 -10.82 4.82 -23.21
N CYS A 292 -11.38 6.03 -23.18
CA CYS A 292 -12.72 6.20 -22.64
C CYS A 292 -13.73 5.33 -23.37
N HIS A 293 -13.83 5.51 -24.69
CA HIS A 293 -14.79 4.73 -25.49
C HIS A 293 -14.60 3.23 -25.30
N ALA A 294 -13.39 2.78 -24.96
CA ALA A 294 -13.13 1.35 -24.85
C ALA A 294 -13.39 0.78 -23.47
N PHE A 295 -13.12 1.53 -22.39
CA PHE A 295 -13.21 0.97 -21.04
C PHE A 295 -14.07 1.80 -20.09
N GLY A 296 -14.87 2.74 -20.60
CA GLY A 296 -15.59 3.64 -19.72
C GLY A 296 -16.78 3.02 -19.02
N ARG A 297 -17.45 2.07 -19.67
CA ARG A 297 -18.56 1.38 -19.01
C ARG A 297 -18.09 0.75 -17.70
N ARG A 298 -17.02 -0.02 -17.77
CA ARG A 298 -16.50 -0.65 -16.55
C ARG A 298 -15.86 0.36 -15.62
N LEU A 299 -15.23 1.41 -16.15
CA LEU A 299 -14.65 2.43 -15.27
C LEU A 299 -15.73 3.11 -14.43
N ILE A 300 -16.84 3.50 -15.06
CA ILE A 300 -17.90 4.16 -14.30
C ILE A 300 -18.71 3.16 -13.48
N LEU A 301 -18.74 1.87 -13.85
CA LEU A 301 -19.33 0.89 -12.95
C LEU A 301 -18.52 0.78 -11.66
N SER A 302 -17.19 0.74 -11.78
CA SER A 302 -16.34 0.76 -10.60
C SER A 302 -16.52 2.04 -9.81
N SER A 303 -16.66 3.17 -10.49
CA SER A 303 -16.87 4.43 -9.80
C SER A 303 -18.21 4.45 -9.05
N THR A 304 -19.24 3.86 -9.64
CA THR A 304 -20.54 3.75 -8.96
C THR A 304 -20.41 2.90 -7.70
N PHE A 305 -19.81 1.72 -7.82
CA PHE A 305 -19.56 0.89 -6.64
C PHE A 305 -18.81 1.67 -5.57
N ARG A 306 -17.78 2.42 -5.99
CA ARG A 306 -16.94 3.14 -5.03
C ARG A 306 -17.69 4.27 -4.33
N ILE A 307 -18.54 4.99 -5.08
CA ILE A 307 -19.27 6.10 -4.45
C ILE A 307 -20.36 5.58 -3.52
N LEU A 308 -21.04 4.49 -3.92
CA LEU A 308 -22.00 3.88 -3.01
C LEU A 308 -21.31 3.37 -1.76
N ALA A 309 -20.11 2.79 -1.89
CA ALA A 309 -19.37 2.35 -0.71
C ALA A 309 -18.97 3.53 0.16
N ASP A 310 -18.64 4.67 -0.45
CA ASP A 310 -18.29 5.85 0.34
C ASP A 310 -19.47 6.35 1.16
N LEU A 311 -20.64 6.49 0.52
CA LEU A 311 -21.82 6.96 1.26
C LEU A 311 -22.24 5.95 2.34
N LEU A 312 -22.21 4.66 2.02
CA LEU A 312 -22.60 3.68 3.03
C LEU A 312 -21.55 3.54 4.13
N GLY A 313 -20.30 3.95 3.89
CA GLY A 313 -19.35 4.06 4.98
C GLY A 313 -19.61 5.27 5.85
N PHE A 314 -20.12 6.35 5.24
CA PHE A 314 -20.60 7.48 6.05
C PHE A 314 -21.82 7.10 6.88
N ALA A 315 -22.59 6.11 6.43
CA ALA A 315 -23.75 5.65 7.20
C ALA A 315 -23.39 5.13 8.59
N GLY A 316 -22.11 5.01 8.93
CA GLY A 316 -21.69 4.45 10.19
C GLY A 316 -21.65 5.43 11.36
N PRO A 317 -20.93 6.54 11.20
CA PRO A 317 -20.82 7.51 12.32
C PRO A 317 -22.16 8.06 12.79
N LEU A 318 -23.05 8.45 11.86
CA LEU A 318 -24.35 8.92 12.29
C LEU A 318 -25.14 7.83 12.99
N CYS A 319 -24.89 6.56 12.66
CA CYS A 319 -25.56 5.48 13.36
C CYS A 319 -25.02 5.31 14.77
N ILE A 320 -23.70 5.48 14.95
CA ILE A 320 -23.15 5.53 16.30
C ILE A 320 -23.78 6.67 17.07
N PHE A 321 -23.97 7.82 16.41
CA PHE A 321 -24.66 8.96 17.02
C PHE A 321 -26.03 8.56 17.52
N GLY A 322 -26.84 7.95 16.64
CA GLY A 322 -28.17 7.53 17.03
C GLY A 322 -28.17 6.55 18.19
N ILE A 323 -27.27 5.56 18.15
CA ILE A 323 -27.20 4.56 19.21
C ILE A 323 -26.90 5.23 20.55
N VAL A 324 -25.84 6.03 20.60
CA VAL A 324 -25.42 6.61 21.88
C VAL A 324 -26.43 7.65 22.35
N ASP A 325 -27.11 8.34 21.44
CA ASP A 325 -28.12 9.28 21.85
C ASP A 325 -29.33 8.56 22.44
N HIS A 326 -29.71 7.42 21.85
CA HIS A 326 -30.79 6.63 22.41
C HIS A 326 -30.45 6.16 23.82
N LEU A 327 -29.34 5.45 23.97
CA LEU A 327 -29.06 4.86 25.27
C LEU A 327 -28.68 5.90 26.32
N GLY A 328 -28.17 7.06 25.91
CA GLY A 328 -27.91 8.12 26.85
C GLY A 328 -29.13 8.90 27.29
N LYS A 329 -30.26 8.68 26.64
CA LYS A 329 -31.49 9.36 27.02
C LYS A 329 -32.42 8.41 27.77
N ASN A 354 -35.18 1.30 19.93
CA ASN A 354 -34.64 2.03 18.80
C ASN A 354 -33.12 1.85 18.70
N ALA A 355 -32.51 1.33 19.76
CA ALA A 355 -31.06 1.17 19.81
C ALA A 355 -30.59 -0.12 19.13
N TYR A 356 -31.23 -1.25 19.46
CA TYR A 356 -30.86 -2.52 18.87
C TYR A 356 -31.08 -2.55 17.36
N VAL A 357 -32.20 -1.97 16.91
CA VAL A 357 -32.47 -1.91 15.48
C VAL A 357 -31.43 -1.04 14.80
N LEU A 358 -31.01 0.04 15.46
CA LEU A 358 -29.92 0.85 14.92
C LEU A 358 -28.63 0.05 14.84
N ALA A 359 -28.38 -0.82 15.83
CA ALA A 359 -27.16 -1.61 15.80
C ALA A 359 -27.18 -2.63 14.66
N VAL A 360 -28.30 -3.32 14.47
CA VAL A 360 -28.35 -4.30 13.39
C VAL A 360 -28.35 -3.61 12.03
N LEU A 361 -28.89 -2.41 11.94
CA LEU A 361 -28.80 -1.69 10.67
C LEU A 361 -27.39 -1.19 10.41
N LEU A 362 -26.67 -0.78 11.47
CA LEU A 362 -25.25 -0.48 11.31
C LEU A 362 -24.50 -1.69 10.79
N PHE A 363 -24.78 -2.86 11.36
CA PHE A 363 -24.12 -4.09 10.92
C PHE A 363 -24.42 -4.37 9.44
N LEU A 364 -25.68 -4.29 9.05
CA LEU A 364 -26.03 -4.58 7.66
C LEU A 364 -25.39 -3.58 6.71
N ALA A 365 -25.50 -2.30 7.01
CA ALA A 365 -24.89 -1.29 6.14
C ALA A 365 -23.39 -1.47 6.06
N LEU A 366 -22.74 -1.82 7.17
CA LEU A 366 -21.30 -2.02 7.14
C LEU A 366 -20.92 -3.19 6.25
N LEU A 367 -21.59 -4.32 6.42
CA LEU A 367 -21.32 -5.49 5.60
C LEU A 367 -21.50 -5.17 4.12
N LEU A 368 -22.65 -4.58 3.75
CA LEU A 368 -22.90 -4.24 2.36
C LEU A 368 -21.88 -3.23 1.84
N GLN A 369 -21.51 -2.25 2.65
CA GLN A 369 -20.59 -1.22 2.21
C GLN A 369 -19.21 -1.79 1.93
N ARG A 370 -18.72 -2.66 2.82
CA ARG A 370 -17.41 -3.25 2.60
C ARG A 370 -17.42 -4.16 1.37
N THR A 371 -18.51 -4.91 1.16
CA THR A 371 -18.59 -5.74 -0.04
C THR A 371 -18.55 -4.88 -1.30
N PHE A 372 -19.35 -3.80 -1.33
CA PHE A 372 -19.33 -2.93 -2.49
C PHE A 372 -17.96 -2.28 -2.71
N LEU A 373 -17.28 -1.93 -1.62
CA LEU A 373 -15.97 -1.30 -1.76
C LEU A 373 -14.97 -2.27 -2.38
N GLN A 374 -14.93 -3.50 -1.89
CA GLN A 374 -14.00 -4.47 -2.47
C GLN A 374 -14.36 -4.78 -3.93
N ALA A 375 -15.66 -4.86 -4.25
CA ALA A 375 -16.04 -5.06 -5.65
C ALA A 375 -15.61 -3.90 -6.52
N SER A 376 -15.67 -2.68 -6.00
CA SER A 376 -15.17 -1.52 -6.73
C SER A 376 -13.67 -1.65 -7.01
N TYR A 377 -12.89 -1.95 -5.97
CA TYR A 377 -11.46 -2.16 -6.17
C TYR A 377 -11.21 -3.20 -7.25
N TYR A 378 -11.96 -4.30 -7.20
CA TYR A 378 -11.71 -5.39 -8.15
C TYR A 378 -12.03 -4.97 -9.58
N VAL A 379 -13.16 -4.29 -9.80
CA VAL A 379 -13.51 -3.89 -11.16
C VAL A 379 -12.48 -2.89 -11.68
N ALA A 380 -12.02 -1.99 -10.83
CA ALA A 380 -10.99 -1.04 -11.26
C ALA A 380 -9.70 -1.76 -11.64
N ILE A 381 -9.28 -2.74 -10.83
CA ILE A 381 -8.06 -3.49 -11.14
C ILE A 381 -8.21 -4.25 -12.44
N GLU A 382 -9.36 -4.92 -12.64
CA GLU A 382 -9.56 -5.71 -13.84
C GLU A 382 -9.54 -4.83 -15.09
N THR A 383 -10.25 -3.69 -15.06
CA THR A 383 -10.20 -2.85 -16.24
C THR A 383 -8.82 -2.25 -16.46
N GLY A 384 -8.08 -1.97 -15.38
CA GLY A 384 -6.71 -1.49 -15.55
C GLY A 384 -5.82 -2.51 -16.22
N ILE A 385 -5.92 -3.77 -15.79
CA ILE A 385 -5.08 -4.82 -16.37
C ILE A 385 -5.47 -5.08 -17.83
N ASN A 386 -6.78 -5.03 -18.13
CA ASN A 386 -7.19 -5.17 -19.52
C ASN A 386 -6.63 -4.04 -20.38
N LEU A 387 -6.64 -2.81 -19.86
CA LEU A 387 -6.03 -1.69 -20.58
C LEU A 387 -4.55 -1.91 -20.77
N ARG A 388 -3.86 -2.46 -19.77
CA ARG A 388 -2.44 -2.73 -19.92
C ARG A 388 -2.20 -3.72 -21.05
N GLY A 389 -2.99 -4.79 -21.11
CA GLY A 389 -2.86 -5.75 -22.19
C GLY A 389 -3.06 -5.10 -23.55
N ALA A 390 -4.15 -4.33 -23.69
CA ALA A 390 -4.43 -3.69 -24.98
C ALA A 390 -3.32 -2.72 -25.38
N ILE A 391 -2.80 -1.95 -24.42
CA ILE A 391 -1.79 -0.95 -24.76
C ILE A 391 -0.45 -1.60 -25.08
N GLN A 392 -0.08 -2.64 -24.33
CA GLN A 392 1.12 -3.40 -24.68
C GLN A 392 1.02 -3.94 -26.11
N THR A 393 -0.10 -4.59 -26.44
CA THR A 393 -0.26 -5.14 -27.78
C THR A 393 -0.22 -4.04 -28.82
N LYS A 394 -0.81 -2.88 -28.53
CA LYS A 394 -0.82 -1.81 -29.51
C LYS A 394 0.56 -1.23 -29.75
N ILE A 395 1.32 -0.98 -28.68
CA ILE A 395 2.65 -0.41 -28.90
C ILE A 395 3.58 -1.42 -29.54
N TYR A 396 3.35 -2.72 -29.31
CA TYR A 396 4.14 -3.72 -30.04
C TYR A 396 3.75 -3.78 -31.52
N ASN A 397 2.45 -3.74 -31.81
CA ASN A 397 1.99 -3.67 -33.18
C ASN A 397 2.52 -2.42 -33.88
N LYS A 398 2.82 -1.36 -33.12
CA LYS A 398 3.46 -0.19 -33.72
C LYS A 398 4.96 -0.36 -33.87
N ILE A 399 5.61 -1.03 -32.93
CA ILE A 399 7.03 -1.38 -33.08
C ILE A 399 7.24 -2.16 -34.36
N MET A 400 6.28 -3.01 -34.72
CA MET A 400 6.42 -3.80 -35.94
C MET A 400 6.58 -2.94 -37.18
N HIS A 401 5.79 -1.87 -37.30
CA HIS A 401 5.76 -1.13 -38.55
C HIS A 401 6.80 -0.01 -38.64
N LEU A 402 7.43 0.37 -37.53
CA LEU A 402 8.25 1.57 -37.55
C LEU A 402 9.52 1.35 -38.38
N SER A 403 10.07 2.45 -38.87
CA SER A 403 11.21 2.41 -39.78
C SER A 403 12.50 2.11 -39.03
N THR A 404 13.50 1.61 -39.78
CA THR A 404 14.82 1.34 -39.25
C THR A 404 15.59 2.61 -38.91
N SER A 405 15.13 3.77 -39.39
CA SER A 405 15.86 5.02 -39.16
C SER A 405 15.95 5.34 -37.67
N ASN A 406 14.87 5.12 -36.93
CA ASN A 406 14.86 5.39 -35.50
C ASN A 406 15.59 4.31 -34.71
N THR A 413 17.02 3.81 -30.00
CA THR A 413 16.35 4.01 -28.71
C THR A 413 15.59 2.75 -28.30
N ALA A 414 16.31 1.65 -28.12
CA ALA A 414 15.68 0.40 -27.71
C ALA A 414 15.28 0.44 -26.25
N GLY A 415 16.19 0.90 -25.38
CA GLY A 415 15.87 1.02 -23.97
C GLY A 415 14.69 1.92 -23.70
N GLN A 416 14.50 2.95 -24.53
CA GLN A 416 13.34 3.82 -24.36
C GLN A 416 12.05 3.06 -24.59
N ILE A 417 11.99 2.23 -25.63
CA ILE A 417 10.80 1.43 -25.87
C ILE A 417 10.62 0.38 -24.77
N CYS A 418 11.72 -0.21 -24.31
CA CYS A 418 11.62 -1.22 -23.27
C CYS A 418 11.05 -0.63 -21.98
N ASN A 419 11.50 0.57 -21.59
CA ASN A 419 10.94 1.18 -20.39
C ASN A 419 9.56 1.78 -20.64
N LEU A 420 9.25 2.17 -21.88
CA LEU A 420 7.90 2.58 -22.22
C LEU A 420 6.91 1.45 -22.02
N VAL A 421 7.35 0.21 -22.27
CA VAL A 421 6.52 -0.92 -21.88
C VAL A 421 6.65 -1.19 -20.38
N ALA A 422 7.78 -0.81 -19.78
CA ALA A 422 8.04 -1.23 -18.40
C ALA A 422 7.45 -0.29 -17.37
N ILE A 423 7.53 1.04 -17.59
CA ILE A 423 7.12 1.96 -16.53
C ILE A 423 5.99 2.88 -16.96
N ASP A 424 5.90 3.21 -18.26
CA ASP A 424 4.90 4.17 -18.68
C ASP A 424 3.52 3.53 -18.77
N THR A 425 3.43 2.37 -19.41
CA THR A 425 2.20 1.59 -19.35
C THR A 425 1.85 1.25 -17.90
N ASN A 426 2.85 1.12 -17.04
CA ASN A 426 2.58 0.86 -15.62
C ASN A 426 1.92 2.07 -14.97
N GLN A 427 2.45 3.27 -15.21
CA GLN A 427 1.83 4.46 -14.65
C GLN A 427 0.42 4.65 -15.19
N LEU A 428 0.19 4.31 -16.46
CA LEU A 428 -1.16 4.38 -17.02
C LEU A 428 -2.10 3.41 -16.32
N MET A 429 -1.67 2.14 -16.20
CA MET A 429 -2.51 1.14 -15.54
C MET A 429 -2.80 1.51 -14.10
N TRP A 430 -1.85 2.15 -13.42
CA TRP A 430 -2.10 2.53 -12.03
C TRP A 430 -2.98 3.77 -11.92
N PHE A 431 -2.92 4.68 -12.90
CA PHE A 431 -3.95 5.70 -12.94
C PHE A 431 -5.32 5.08 -13.12
N PHE A 432 -5.42 4.02 -13.91
CA PHE A 432 -6.72 3.38 -14.04
C PHE A 432 -7.09 2.61 -12.78
N PHE A 433 -6.10 2.14 -12.02
CA PHE A 433 -6.39 1.55 -10.71
C PHE A 433 -7.01 2.56 -9.77
N LEU A 434 -6.42 3.75 -9.69
CA LEU A 434 -6.87 4.77 -8.76
C LEU A 434 -7.89 5.74 -9.33
N CYS A 435 -8.31 5.55 -10.59
CA CYS A 435 -9.24 6.47 -11.22
C CYS A 435 -10.58 6.58 -10.51
N PRO A 436 -11.20 5.50 -10.00
CA PRO A 436 -12.42 5.71 -9.19
C PRO A 436 -12.19 6.60 -8.00
N ASN A 437 -11.07 6.41 -7.30
CA ASN A 437 -10.74 7.26 -6.15
C ASN A 437 -10.68 8.72 -6.55
N LEU A 438 -10.16 9.02 -7.75
CA LEU A 438 -10.03 10.40 -8.19
C LEU A 438 -11.39 11.11 -8.22
N TRP A 439 -12.46 10.38 -8.52
CA TRP A 439 -13.79 10.97 -8.59
C TRP A 439 -14.56 10.84 -7.29
N ALA A 440 -14.22 9.86 -6.45
CA ALA A 440 -14.99 9.59 -5.24
C ALA A 440 -14.35 10.06 -3.95
N MET A 441 -13.12 10.57 -3.99
CA MET A 441 -12.52 11.13 -2.80
C MET A 441 -13.00 12.55 -2.52
N PRO A 442 -13.13 13.42 -3.54
CA PRO A 442 -13.73 14.74 -3.25
C PRO A 442 -15.16 14.67 -2.74
N VAL A 443 -16.00 13.81 -3.34
CA VAL A 443 -17.36 13.60 -2.86
C VAL A 443 -17.33 13.14 -1.40
N GLN A 444 -16.45 12.19 -1.10
CA GLN A 444 -16.29 11.70 0.27
C GLN A 444 -15.96 12.85 1.22
N ILE A 445 -14.95 13.65 0.89
CA ILE A 445 -14.51 14.70 1.81
C ILE A 445 -15.60 15.75 1.97
N ILE A 446 -16.31 16.09 0.89
CA ILE A 446 -17.36 17.10 0.99
C ILE A 446 -18.49 16.61 1.89
N VAL A 447 -18.99 15.40 1.64
CA VAL A 447 -20.08 14.89 2.47
C VAL A 447 -19.61 14.70 3.91
N GLY A 448 -18.33 14.37 4.12
CA GLY A 448 -17.82 14.25 5.47
C GLY A 448 -17.82 15.56 6.21
N VAL A 449 -17.37 16.63 5.55
CA VAL A 449 -17.37 17.94 6.20
C VAL A 449 -18.81 18.40 6.45
N ILE A 450 -19.71 18.09 5.53
CA ILE A 450 -21.12 18.48 5.71
C ILE A 450 -21.73 17.77 6.90
N LEU A 451 -21.51 16.46 7.01
CA LEU A 451 -22.05 15.71 8.14
C LEU A 451 -21.43 16.16 9.45
N LEU A 452 -20.11 16.39 9.47
CA LEU A 452 -19.48 16.89 10.68
C LEU A 452 -20.07 18.23 11.11
N TYR A 453 -20.27 19.13 10.16
CA TYR A 453 -20.89 20.42 10.48
C TYR A 453 -22.28 20.22 11.04
N TYR A 454 -23.11 19.42 10.36
CA TYR A 454 -24.46 19.16 10.84
C TYR A 454 -24.46 18.56 12.24
N ILE A 455 -23.42 17.81 12.60
CA ILE A 455 -23.40 17.17 13.91
C ILE A 455 -22.95 18.15 14.98
N LEU A 456 -21.87 18.90 14.74
CA LEU A 456 -21.22 19.66 15.80
C LEU A 456 -21.38 21.17 15.69
N GLY A 457 -22.24 21.67 14.80
CA GLY A 457 -22.36 23.11 14.69
C GLY A 457 -21.10 23.70 14.08
N VAL A 458 -20.73 24.89 14.58
CA VAL A 458 -19.69 25.68 13.93
C VAL A 458 -18.28 25.16 14.22
N SER A 459 -18.06 24.56 15.40
CA SER A 459 -16.73 24.08 15.74
C SER A 459 -16.28 22.95 14.81
N ALA A 460 -17.24 22.19 14.28
CA ALA A 460 -16.89 21.12 13.35
C ALA A 460 -16.23 21.67 12.10
N LEU A 461 -16.56 22.90 11.70
CA LEU A 461 -15.92 23.47 10.52
C LEU A 461 -14.45 23.77 10.79
N ILE A 462 -14.14 24.28 12.00
CA ILE A 462 -12.73 24.46 12.36
C ILE A 462 -12.02 23.12 12.35
N GLY A 463 -12.65 22.08 12.92
CA GLY A 463 -12.05 20.77 12.92
C GLY A 463 -11.82 20.21 11.52
N ALA A 464 -12.80 20.37 10.64
CA ALA A 464 -12.68 19.84 9.29
C ALA A 464 -11.66 20.62 8.48
N ALA A 465 -11.54 21.93 8.70
CA ALA A 465 -10.50 22.70 8.04
C ALA A 465 -9.11 22.23 8.48
N VAL A 466 -8.93 22.01 9.79
CA VAL A 466 -7.63 21.53 10.28
C VAL A 466 -7.31 20.16 9.71
N ILE A 467 -8.32 19.28 9.61
CA ILE A 467 -8.01 17.95 9.08
C ILE A 467 -7.77 18.00 7.57
N ILE A 468 -8.44 18.92 6.86
CA ILE A 468 -8.21 19.04 5.42
C ILE A 468 -6.84 19.64 5.14
N LEU A 469 -6.32 20.41 6.09
CA LEU A 469 -4.96 20.96 5.95
C LEU A 469 -3.90 19.86 5.93
N LEU A 470 -4.32 18.58 5.95
CA LEU A 470 -3.39 17.46 5.86
C LEU A 470 -3.05 17.12 4.42
N ALA A 471 -4.01 17.24 3.49
CA ALA A 471 -3.76 16.85 2.11
C ALA A 471 -2.68 17.69 1.43
N PRO A 472 -2.73 19.03 1.46
CA PRO A 472 -1.66 19.78 0.80
C PRO A 472 -0.28 19.56 1.41
N VAL A 473 -0.21 19.47 2.74
CA VAL A 473 1.08 19.19 3.38
C VAL A 473 1.59 17.83 2.96
N GLN A 474 0.70 16.83 2.89
CA GLN A 474 1.13 15.51 2.45
C GLN A 474 1.63 15.55 1.01
N TYR A 475 0.98 16.33 0.15
CA TYR A 475 1.43 16.44 -1.23
C TYR A 475 2.82 17.08 -1.31
N PHE A 476 3.01 18.17 -0.56
CA PHE A 476 4.33 18.82 -0.54
C PHE A 476 5.41 17.88 -0.03
N VAL A 477 5.09 17.12 1.02
CA VAL A 477 6.07 16.17 1.56
C VAL A 477 6.39 15.09 0.53
N ALA A 478 5.37 14.60 -0.19
CA ALA A 478 5.62 13.58 -1.22
C ALA A 478 6.50 14.12 -2.35
N THR A 479 6.29 15.39 -2.72
CA THR A 479 7.12 16.00 -3.75
C THR A 479 8.58 16.12 -3.29
N LYS A 480 8.79 16.65 -2.08
CA LYS A 480 10.14 16.71 -1.54
C LYS A 480 10.77 15.34 -1.42
N LEU A 481 9.96 14.31 -1.15
CA LEU A 481 10.48 12.96 -1.01
C LEU A 481 10.94 12.42 -2.35
N SER A 482 10.17 12.66 -3.43
CA SER A 482 10.63 12.22 -4.76
C SER A 482 11.88 12.97 -5.19
N GLN A 483 11.97 14.25 -4.86
CA GLN A 483 13.17 15.03 -5.15
C GLN A 483 14.40 14.40 -4.46
N ALA A 484 14.28 14.15 -3.16
CA ALA A 484 15.36 13.47 -2.44
C ALA A 484 15.63 12.09 -3.04
N GLN A 485 14.60 11.43 -3.57
CA GLN A 485 14.80 10.11 -4.17
C GLN A 485 15.72 10.19 -5.38
N ARG A 486 15.48 11.17 -6.25
CA ARG A 486 16.37 11.34 -7.40
C ARG A 486 17.79 11.69 -6.97
N SER A 487 17.91 12.61 -6.00
CA SER A 487 19.24 13.00 -5.53
C SER A 487 19.97 11.84 -4.87
N THR A 488 19.23 10.87 -4.31
CA THR A 488 19.87 9.68 -3.77
C THR A 488 20.23 8.69 -4.88
N LEU A 489 19.37 8.56 -5.89
CA LEU A 489 19.63 7.64 -7.00
C LEU A 489 20.91 8.01 -7.73
N GLU A 490 21.23 9.30 -7.83
CA GLU A 490 22.50 9.68 -8.45
C GLU A 490 23.69 9.00 -7.76
N HIS A 491 23.86 9.28 -6.46
CA HIS A 491 24.95 8.68 -5.70
C HIS A 491 24.87 7.16 -5.71
N SER A 492 23.66 6.60 -5.70
CA SER A 492 23.53 5.14 -5.69
C SER A 492 24.04 4.53 -6.98
N ASN A 493 23.73 5.16 -8.13
CA ASN A 493 24.25 4.67 -9.40
C ASN A 493 25.76 4.77 -9.46
N GLU A 494 26.32 5.87 -8.94
CA GLU A 494 27.78 5.99 -8.95
C GLU A 494 28.44 4.94 -8.04
N ARG A 495 27.87 4.72 -6.85
CA ARG A 495 28.39 3.68 -5.96
C ARG A 495 28.25 2.30 -6.59
N LEU A 496 27.18 2.07 -7.36
CA LEU A 496 27.02 0.80 -8.05
C LEU A 496 28.09 0.60 -9.10
N LYS A 497 28.38 1.64 -9.89
CA LYS A 497 29.45 1.54 -10.88
C LYS A 497 30.80 1.28 -10.21
N GLN A 498 31.05 1.93 -9.06
CA GLN A 498 32.30 1.68 -8.34
C GLN A 498 32.38 0.26 -7.79
N THR A 499 31.27 -0.25 -7.27
CA THR A 499 31.26 -1.64 -6.80
C THR A 499 31.47 -2.62 -7.94
N ASN A 500 30.91 -2.32 -9.11
CA ASN A 500 31.11 -3.18 -10.27
C ASN A 500 32.56 -3.15 -10.73
N GLU A 501 33.20 -1.97 -10.68
CA GLU A 501 34.63 -1.89 -10.94
C GLU A 501 35.42 -2.76 -9.96
N MET A 502 35.11 -2.64 -8.67
CA MET A 502 35.82 -3.43 -7.65
C MET A 502 35.60 -4.92 -7.84
N LEU A 503 34.43 -5.32 -8.34
CA LEU A 503 34.10 -6.74 -8.45
C LEU A 503 34.58 -7.37 -9.75
N ARG A 504 34.68 -6.61 -10.84
CA ARG A 504 35.23 -7.16 -12.08
C ARG A 504 36.73 -7.42 -11.96
N GLY A 505 37.45 -6.47 -11.37
CA GLY A 505 38.89 -6.62 -11.22
C GLY A 505 39.29 -7.05 -9.83
N MET A 506 38.45 -7.87 -9.19
CA MET A 506 38.79 -8.37 -7.86
C MET A 506 40.05 -9.22 -7.89
N LYS A 507 40.23 -10.01 -8.95
CA LYS A 507 41.43 -10.82 -9.10
C LYS A 507 42.70 -9.99 -8.98
N LEU A 508 42.88 -9.03 -9.89
CA LEU A 508 44.07 -8.20 -9.92
C LEU A 508 44.29 -7.48 -8.60
N LEU A 509 43.22 -6.90 -8.04
CA LEU A 509 43.32 -6.20 -6.76
C LEU A 509 43.87 -7.12 -5.68
N LYS A 510 43.28 -8.31 -5.53
CA LYS A 510 43.78 -9.23 -4.52
C LYS A 510 45.22 -9.66 -4.81
N LEU A 511 45.59 -9.73 -6.09
CA LEU A 511 46.94 -10.17 -6.44
C LEU A 511 48.01 -9.18 -5.98
N TYR A 512 47.74 -7.89 -6.10
CA TYR A 512 48.64 -6.89 -5.53
C TYR A 512 48.08 -6.24 -4.27
N ALA A 513 46.99 -6.78 -3.72
CA ALA A 513 46.45 -6.33 -2.43
C ALA A 513 46.11 -4.84 -2.45
N TRP A 514 45.37 -4.42 -3.49
CA TRP A 514 44.83 -3.08 -3.58
C TRP A 514 43.36 -3.02 -3.17
N GLU A 515 42.85 -4.07 -2.52
CA GLU A 515 41.42 -4.16 -2.22
C GLU A 515 41.01 -3.12 -1.18
N SER A 516 41.88 -2.85 -0.20
CA SER A 516 41.50 -1.96 0.89
C SER A 516 41.31 -0.52 0.40
N ILE A 517 42.15 -0.07 -0.54
CA ILE A 517 42.06 1.31 -1.01
C ILE A 517 40.80 1.51 -1.86
N PHE A 518 40.50 0.56 -2.75
CA PHE A 518 39.26 0.64 -3.51
C PHE A 518 38.05 0.53 -2.59
N CYS A 519 38.15 -0.28 -1.54
CA CYS A 519 37.06 -0.34 -0.57
C CYS A 519 36.88 0.99 0.15
N SER A 520 37.98 1.69 0.43
CA SER A 520 37.89 3.01 1.05
C SER A 520 37.23 4.02 0.12
N ARG A 521 37.54 3.96 -1.18
CA ARG A 521 36.86 4.84 -2.12
C ARG A 521 35.37 4.54 -2.22
N VAL A 522 35.01 3.25 -2.28
CA VAL A 522 33.60 2.87 -2.27
C VAL A 522 32.93 3.34 -0.99
N GLU A 523 33.66 3.34 0.13
CA GLU A 523 33.09 3.79 1.39
C GLU A 523 32.88 5.31 1.39
N VAL A 524 33.77 6.05 0.73
CA VAL A 524 33.56 7.50 0.62
C VAL A 524 32.30 7.79 -0.20
N THR A 525 32.13 7.08 -1.32
CA THR A 525 30.91 7.26 -2.10
C THR A 525 29.67 6.85 -1.28
N ARG A 526 29.80 5.79 -0.47
CA ARG A 526 28.71 5.37 0.39
C ARG A 526 28.37 6.43 1.43
N ARG A 527 29.39 7.13 1.94
CA ARG A 527 29.14 8.19 2.91
C ARG A 527 28.40 9.36 2.27
N LYS A 528 28.74 9.70 1.01
CA LYS A 528 27.97 10.73 0.33
C LYS A 528 26.51 10.28 0.12
N GLU A 529 26.32 9.03 -0.30
CA GLU A 529 24.96 8.53 -0.47
C GLU A 529 24.20 8.53 0.85
N MET A 530 24.89 8.28 1.97
CA MET A 530 24.23 8.35 3.28
C MET A 530 23.87 9.79 3.63
N THR A 531 24.72 10.75 3.27
CA THR A 531 24.37 12.16 3.46
C THR A 531 23.07 12.50 2.76
N SER A 532 22.86 11.96 1.55
CA SER A 532 21.58 12.22 0.87
C SER A 532 20.44 11.42 1.51
N LEU A 533 20.72 10.18 1.94
CA LEU A 533 19.69 9.36 2.55
C LEU A 533 19.18 9.96 3.85
N ARG A 534 20.01 10.76 4.52
CA ARG A 534 19.54 11.43 5.74
C ARG A 534 18.37 12.36 5.44
N ALA A 535 18.49 13.18 4.39
CA ALA A 535 17.39 14.05 4.00
C ALA A 535 16.18 13.23 3.54
N PHE A 536 16.42 12.16 2.78
CA PHE A 536 15.30 11.31 2.39
C PHE A 536 14.54 10.77 3.60
N ALA A 537 15.28 10.29 4.60
CA ALA A 537 14.65 9.74 5.80
C ALA A 537 13.97 10.82 6.63
N VAL A 538 14.52 12.04 6.64
CA VAL A 538 13.86 13.13 7.33
C VAL A 538 12.49 13.41 6.72
N TYR A 539 12.42 13.43 5.39
CA TYR A 539 11.13 13.65 4.73
C TYR A 539 10.17 12.49 4.98
N THR A 540 10.67 11.25 4.98
CA THR A 540 9.79 10.12 5.27
C THR A 540 9.25 10.19 6.71
N SER A 541 10.11 10.57 7.66
CA SER A 541 9.67 10.72 9.04
C SER A 541 8.62 11.81 9.16
N ILE A 542 8.83 12.95 8.48
CA ILE A 542 7.84 14.03 8.51
C ILE A 542 6.51 13.55 7.94
N SER A 543 6.56 12.75 6.87
CA SER A 543 5.32 12.22 6.31
C SER A 543 4.57 11.35 7.32
N ILE A 544 5.28 10.40 7.94
CA ILE A 544 4.64 9.52 8.92
C ILE A 544 4.05 10.33 10.07
N PHE A 545 4.84 11.28 10.60
CA PHE A 545 4.42 12.06 11.75
C PHE A 545 3.21 12.95 11.41
N MET A 546 3.25 13.64 10.28
CA MET A 546 2.11 14.46 9.88
C MET A 546 0.87 13.61 9.71
N ASN A 547 1.00 12.49 8.99
CA ASN A 547 -0.12 11.58 8.77
C ASN A 547 -0.78 11.16 10.08
N THR A 548 0.03 10.90 11.12
CA THR A 548 -0.56 10.47 12.38
C THR A 548 -0.97 11.62 13.30
N ALA A 549 -0.35 12.79 13.17
CA ALA A 549 -0.52 13.87 14.14
C ALA A 549 -1.55 14.91 13.72
N ILE A 550 -1.79 15.13 12.43
CA ILE A 550 -2.83 16.07 12.01
C ILE A 550 -4.19 15.66 12.54
N PRO A 551 -4.60 14.38 12.50
CA PRO A 551 -5.91 14.02 13.09
C PRO A 551 -6.01 14.22 14.59
N ILE A 552 -4.94 13.94 15.33
CA ILE A 552 -4.96 14.19 16.77
C ILE A 552 -5.22 15.66 17.06
N ALA A 553 -4.43 16.54 16.43
CA ALA A 553 -4.64 17.97 16.61
C ALA A 553 -6.01 18.41 16.13
N ALA A 554 -6.55 17.76 15.09
CA ALA A 554 -7.88 18.10 14.61
C ALA A 554 -8.93 17.81 15.68
N VAL A 555 -8.88 16.62 16.27
CA VAL A 555 -9.80 16.28 17.35
C VAL A 555 -9.65 17.25 18.51
N LEU A 556 -8.40 17.55 18.88
CA LEU A 556 -8.13 18.47 20.00
C LEU A 556 -8.76 19.83 19.76
N ILE A 557 -8.42 20.46 18.63
CA ILE A 557 -8.92 21.80 18.35
C ILE A 557 -10.45 21.79 18.26
N THR A 558 -11.00 20.77 17.59
CA THR A 558 -12.45 20.63 17.48
C THR A 558 -13.11 20.70 18.85
N PHE A 559 -12.75 19.76 19.73
CA PHE A 559 -13.50 19.65 20.98
C PHE A 559 -13.23 20.81 21.92
N VAL A 560 -11.96 21.20 22.07
CA VAL A 560 -11.63 22.28 22.99
C VAL A 560 -12.27 23.58 22.53
N GLY A 561 -12.09 23.95 21.25
CA GLY A 561 -12.72 25.15 20.74
C GLY A 561 -14.24 25.08 20.80
N HIS A 562 -14.81 23.88 20.68
CA HIS A 562 -16.25 23.72 20.83
C HIS A 562 -16.68 24.06 22.24
N VAL A 563 -15.90 23.67 23.24
CA VAL A 563 -16.31 23.81 24.63
C VAL A 563 -15.91 25.17 25.21
N SER A 564 -14.68 25.60 24.99
CA SER A 564 -14.16 26.79 25.65
C SER A 564 -14.30 28.04 24.78
N PHE A 565 -13.69 28.03 23.59
CA PHE A 565 -13.70 29.23 22.75
C PHE A 565 -15.11 29.58 22.30
N PHE A 566 -15.78 28.63 21.64
CA PHE A 566 -17.14 28.89 21.18
C PHE A 566 -18.14 28.99 22.32
N LYS A 567 -17.80 28.51 23.52
CA LYS A 567 -18.75 28.36 24.61
C LYS A 567 -20.03 27.67 24.12
N GLU A 568 -19.84 26.73 23.19
CA GLU A 568 -20.92 26.18 22.38
C GLU A 568 -21.60 25.03 23.13
N SER A 569 -22.41 24.24 22.41
CA SER A 569 -23.15 23.14 22.99
C SER A 569 -22.27 22.27 23.89
N ASP A 570 -22.85 21.84 25.01
CA ASP A 570 -22.18 20.86 25.86
C ASP A 570 -21.94 19.57 25.10
N LEU A 571 -20.78 18.96 25.33
CA LEU A 571 -20.35 17.81 24.54
C LEU A 571 -21.00 16.54 25.08
N SER A 572 -21.97 16.01 24.34
CA SER A 572 -22.63 14.76 24.69
C SER A 572 -21.88 13.58 24.11
N PRO A 573 -22.03 12.38 24.69
CA PRO A 573 -21.30 11.22 24.15
C PRO A 573 -21.63 10.92 22.70
N SER A 574 -22.92 10.92 22.35
CA SER A 574 -23.31 10.64 20.98
C SER A 574 -22.68 11.62 20.00
N VAL A 575 -22.83 12.91 20.26
CA VAL A 575 -22.31 13.93 19.36
C VAL A 575 -20.79 13.81 19.23
N ALA A 576 -20.09 13.70 20.37
CA ALA A 576 -18.63 13.66 20.36
C ALA A 576 -18.13 12.43 19.61
N PHE A 577 -18.70 11.26 19.89
CA PHE A 577 -18.15 10.06 19.27
C PHE A 577 -18.58 9.91 17.82
N ALA A 578 -19.74 10.43 17.42
CA ALA A 578 -20.04 10.53 16.01
C ALA A 578 -19.01 11.38 15.28
N SER A 579 -18.66 12.53 15.86
CA SER A 579 -17.64 13.37 15.24
C SER A 579 -16.29 12.66 15.17
N LEU A 580 -15.95 11.88 16.20
CA LEU A 580 -14.69 11.15 16.18
C LEU A 580 -14.69 10.11 15.07
N SER A 581 -15.77 9.35 14.94
CA SER A 581 -15.85 8.37 13.86
C SER A 581 -15.76 9.03 12.50
N LEU A 582 -16.40 10.20 12.33
CA LEU A 582 -16.32 10.90 11.05
C LEU A 582 -14.91 11.41 10.78
N PHE A 583 -14.18 11.83 11.83
CA PHE A 583 -12.79 12.22 11.61
C PHE A 583 -11.95 11.04 11.16
N HIS A 584 -12.16 9.87 11.76
CA HIS A 584 -11.43 8.69 11.32
C HIS A 584 -11.79 8.31 9.89
N ILE A 585 -13.05 8.46 9.50
CA ILE A 585 -13.43 8.18 8.12
C ILE A 585 -12.84 9.22 7.17
N LEU A 586 -12.64 10.45 7.65
CA LEU A 586 -12.10 11.52 6.82
C LEU A 586 -10.59 11.41 6.63
N VAL A 587 -9.88 10.76 7.55
CA VAL A 587 -8.42 10.71 7.48
C VAL A 587 -7.96 10.15 6.14
N THR A 588 -8.35 8.90 5.83
CA THR A 588 -7.78 8.19 4.69
C THR A 588 -7.93 8.92 3.37
N PRO A 589 -9.09 9.47 2.98
CA PRO A 589 -9.16 10.22 1.72
C PRO A 589 -8.23 11.42 1.68
N LEU A 590 -8.14 12.17 2.78
CA LEU A 590 -7.24 13.31 2.81
C LEU A 590 -5.79 12.90 2.64
N PHE A 591 -5.42 11.72 3.15
CA PHE A 591 -4.03 11.27 3.03
C PHE A 591 -3.73 10.75 1.63
N LEU A 592 -4.65 10.01 1.03
CA LEU A 592 -4.38 9.39 -0.27
C LEU A 592 -4.74 10.27 -1.45
N LEU A 593 -5.37 11.43 -1.22
CA LEU A 593 -5.71 12.31 -2.33
C LEU A 593 -4.45 12.84 -3.02
N SER A 594 -3.41 13.14 -2.25
CA SER A 594 -2.14 13.55 -2.83
C SER A 594 -1.59 12.48 -3.76
N SER A 595 -1.61 11.22 -3.31
CA SER A 595 -1.13 10.12 -4.13
C SER A 595 -1.95 9.99 -5.40
N VAL A 596 -3.27 10.13 -5.29
CA VAL A 596 -4.13 10.04 -6.48
C VAL A 596 -3.77 11.13 -7.48
N VAL A 597 -3.59 12.37 -7.01
CA VAL A 597 -3.29 13.46 -7.93
C VAL A 597 -1.92 13.28 -8.58
N ARG A 598 -0.93 12.84 -7.79
CA ARG A 598 0.41 12.64 -8.32
C ARG A 598 0.40 11.53 -9.38
N SER A 599 -0.26 10.41 -9.10
CA SER A 599 -0.39 9.36 -10.11
C SER A 599 -1.15 9.84 -11.33
N THR A 600 -2.14 10.73 -11.14
CA THR A 600 -2.88 11.25 -12.28
C THR A 600 -1.96 12.04 -13.22
N VAL A 601 -1.19 12.98 -12.68
CA VAL A 601 -0.31 13.76 -13.55
C VAL A 601 0.78 12.86 -14.14
N LYS A 602 1.22 11.85 -13.39
CA LYS A 602 2.23 10.93 -13.87
C LYS A 602 1.74 10.16 -15.09
N ALA A 603 0.54 9.61 -15.02
CA ALA A 603 0.01 8.86 -16.15
C ALA A 603 -0.43 9.78 -17.28
N LEU A 604 -0.78 11.03 -16.99
CA LEU A 604 -1.03 11.99 -18.06
C LEU A 604 0.24 12.20 -18.89
N VAL A 605 1.37 12.40 -18.21
CA VAL A 605 2.65 12.48 -18.90
C VAL A 605 2.93 11.19 -19.67
N SER A 606 2.61 10.03 -19.07
CA SER A 606 2.85 8.77 -19.73
C SER A 606 2.06 8.65 -21.03
N VAL A 607 0.79 9.07 -21.02
CA VAL A 607 -0.01 8.99 -22.24
C VAL A 607 0.49 9.99 -23.28
N GLN A 608 0.96 11.15 -22.84
CA GLN A 608 1.59 12.06 -23.80
C GLN A 608 2.80 11.42 -24.47
N LYS A 609 3.64 10.74 -23.70
CA LYS A 609 4.82 10.09 -24.26
C LYS A 609 4.44 8.94 -25.19
N LEU A 610 3.42 8.16 -24.80
CA LEU A 610 2.97 7.07 -25.67
C LEU A 610 2.39 7.60 -26.97
N SER A 611 1.71 8.76 -26.91
CA SER A 611 1.22 9.36 -28.14
C SER A 611 2.36 9.82 -29.03
N GLU A 612 3.37 10.47 -28.44
CA GLU A 612 4.51 10.91 -29.22
C GLU A 612 5.23 9.73 -29.88
N PHE A 613 5.33 8.61 -29.16
CA PHE A 613 5.96 7.41 -29.74
C PHE A 613 5.10 6.83 -30.86
N LEU A 614 3.81 6.61 -30.58
CA LEU A 614 2.91 5.99 -31.54
C LEU A 614 2.66 6.86 -32.76
N SER A 615 3.00 8.15 -32.69
CA SER A 615 2.81 9.02 -33.84
C SER A 615 3.93 8.87 -34.87
N SER A 616 5.12 8.46 -34.44
CA SER A 616 6.25 8.32 -35.35
C SER A 616 6.05 7.13 -36.28
N PRO A 997 10.96 -16.22 8.24
CA PRO A 997 12.14 -15.36 8.15
C PRO A 997 12.43 -14.65 9.47
N TRP A 998 12.20 -15.33 10.59
CA TRP A 998 12.39 -14.70 11.90
C TRP A 998 13.87 -14.45 12.18
N ARG A 999 14.76 -15.27 11.61
CA ARG A 999 16.19 -15.04 11.79
C ARG A 999 16.65 -13.75 11.11
N ALA A 1000 16.04 -13.42 9.97
CA ALA A 1000 16.35 -12.14 9.33
C ALA A 1000 15.93 -10.97 10.21
N CYS A 1001 14.75 -11.05 10.81
CA CYS A 1001 14.31 -10.01 11.73
C CYS A 1001 15.23 -9.90 12.93
N THR A 1002 15.67 -11.06 13.45
CA THR A 1002 16.61 -11.05 14.58
C THR A 1002 17.91 -10.36 14.21
N LYS A 1003 18.48 -10.72 13.05
CA LYS A 1003 19.74 -10.11 12.62
C LYS A 1003 19.58 -8.61 12.38
N TYR A 1004 18.47 -8.20 11.77
CA TYR A 1004 18.23 -6.79 11.51
C TYR A 1004 18.10 -6.00 12.80
N LEU A 1005 17.29 -6.49 13.75
CA LEU A 1005 17.12 -5.79 15.02
C LEU A 1005 18.40 -5.79 15.84
N SER A 1006 19.20 -6.86 15.76
CA SER A 1006 20.46 -6.92 16.49
C SER A 1006 21.48 -5.95 15.90
N SER A 1007 21.44 -5.72 14.59
CA SER A 1007 22.31 -4.70 14.00
C SER A 1007 21.99 -3.30 14.52
N ALA A 1008 20.81 -3.10 15.11
CA ALA A 1008 20.42 -1.77 15.57
C ALA A 1008 21.01 -1.46 16.94
N GLY A 1009 21.11 -2.46 17.81
CA GLY A 1009 21.56 -2.24 19.17
C GLY A 1009 20.41 -2.19 20.15
N ILE A 1010 20.72 -2.42 21.43
CA ILE A 1010 19.66 -2.48 22.43
C ILE A 1010 19.12 -1.09 22.73
N LEU A 1011 19.95 -0.05 22.60
CA LEU A 1011 19.48 1.31 22.89
C LEU A 1011 18.38 1.73 21.93
N LEU A 1012 18.67 1.70 20.63
CA LEU A 1012 17.68 2.15 19.64
C LEU A 1012 16.48 1.22 19.61
N LEU A 1013 16.70 -0.09 19.73
CA LEU A 1013 15.56 -1.01 19.72
C LEU A 1013 14.65 -0.80 20.92
N SER A 1014 15.25 -0.63 22.11
CA SER A 1014 14.44 -0.38 23.31
C SER A 1014 13.70 0.94 23.20
N LEU A 1015 14.36 1.99 22.74
CA LEU A 1015 13.69 3.27 22.58
C LEU A 1015 12.54 3.16 21.58
N LEU A 1016 12.75 2.45 20.47
CA LEU A 1016 11.71 2.30 19.46
C LEU A 1016 10.50 1.56 20.03
N VAL A 1017 10.73 0.42 20.69
CA VAL A 1017 9.63 -0.38 21.19
C VAL A 1017 8.88 0.37 22.29
N PHE A 1018 9.63 1.00 23.21
CA PHE A 1018 9.01 1.78 24.27
C PHE A 1018 8.18 2.92 23.69
N SER A 1019 8.70 3.61 22.67
CA SER A 1019 7.97 4.73 22.08
C SER A 1019 6.71 4.26 21.39
N GLN A 1020 6.78 3.18 20.62
CA GLN A 1020 5.58 2.65 19.98
C GLN A 1020 4.51 2.27 21.01
N LEU A 1021 4.91 1.53 22.04
CA LEU A 1021 3.94 1.08 23.03
C LEU A 1021 3.34 2.26 23.79
N LEU A 1022 4.17 3.20 24.25
CA LEU A 1022 3.64 4.32 25.00
C LEU A 1022 2.82 5.26 24.12
N LYS A 1023 3.15 5.37 22.82
CA LYS A 1023 2.34 6.19 21.94
C LYS A 1023 0.95 5.60 21.75
N HIS A 1024 0.87 4.28 21.55
CA HIS A 1024 -0.47 3.71 21.43
C HIS A 1024 -1.23 3.74 22.75
N MET A 1025 -0.52 3.64 23.87
CA MET A 1025 -1.15 3.80 25.18
C MET A 1025 -1.73 5.20 25.34
N VAL A 1026 -0.98 6.22 24.93
CA VAL A 1026 -1.49 7.59 25.01
C VAL A 1026 -2.66 7.79 24.05
N LEU A 1027 -2.63 7.13 22.90
CA LEU A 1027 -3.75 7.24 21.97
C LEU A 1027 -5.04 6.71 22.58
N VAL A 1028 -5.01 5.46 23.08
CA VAL A 1028 -6.21 4.93 23.73
C VAL A 1028 -6.56 5.76 24.95
N ALA A 1029 -5.55 6.35 25.61
CA ALA A 1029 -5.82 7.16 26.79
C ALA A 1029 -6.65 8.39 26.45
N ILE A 1030 -6.30 9.08 25.37
CA ILE A 1030 -7.08 10.27 25.01
C ILE A 1030 -8.46 9.87 24.50
N ASP A 1031 -8.55 8.74 23.78
CA ASP A 1031 -9.88 8.33 23.30
C ASP A 1031 -10.80 7.92 24.45
N TYR A 1032 -10.22 7.41 25.55
CA TYR A 1032 -11.02 7.08 26.73
C TYR A 1032 -11.33 8.32 27.57
N TRP A 1033 -10.37 9.24 27.66
CA TRP A 1033 -10.62 10.51 28.33
C TRP A 1033 -11.72 11.29 27.62
N LEU A 1034 -11.92 11.05 26.32
CA LEU A 1034 -13.07 11.63 25.64
C LEU A 1034 -14.38 11.17 26.27
N ALA A 1035 -14.55 9.85 26.43
CA ALA A 1035 -15.75 9.31 27.06
C ALA A 1035 -15.93 9.89 28.46
N LYS A 1036 -14.86 9.86 29.26
CA LYS A 1036 -14.99 10.46 30.59
C LYS A 1036 -15.23 11.96 30.53
N TRP A 1037 -14.85 12.62 29.44
CA TRP A 1037 -15.10 14.04 29.27
C TRP A 1037 -16.58 14.31 29.10
N THR A 1038 -17.24 13.54 28.22
CA THR A 1038 -18.59 13.88 27.75
C THR A 1038 -19.52 14.32 28.87
N ASP A 1039 -19.68 13.49 29.89
CA ASP A 1039 -20.59 13.85 30.99
C ASP A 1039 -19.88 14.65 32.08
N ASP A 1060 -16.83 20.89 36.57
CA ASP A 1060 -15.48 21.31 36.22
C ASP A 1060 -15.11 20.90 34.79
N GLN A 1061 -15.80 21.49 33.82
CA GLN A 1061 -15.50 21.21 32.42
C GLN A 1061 -14.14 21.79 32.02
N SER A 1062 -13.72 22.86 32.67
CA SER A 1062 -12.40 23.43 32.39
C SER A 1062 -11.29 22.43 32.66
N VAL A 1063 -11.41 21.67 33.75
CA VAL A 1063 -10.40 20.69 34.10
C VAL A 1063 -10.35 19.57 33.05
N TYR A 1064 -11.52 19.09 32.63
CA TYR A 1064 -11.56 18.07 31.58
C TYR A 1064 -10.91 18.57 30.30
N ALA A 1065 -11.27 19.78 29.88
CA ALA A 1065 -10.69 20.33 28.66
C ALA A 1065 -9.17 20.47 28.78
N MET A 1066 -8.69 20.92 29.95
CA MET A 1066 -7.26 21.12 30.14
C MET A 1066 -6.51 19.80 30.10
N VAL A 1067 -7.04 18.77 30.79
CA VAL A 1067 -6.39 17.47 30.78
C VAL A 1067 -6.42 16.87 29.38
N PHE A 1068 -7.52 17.06 28.64
CA PHE A 1068 -7.58 16.58 27.27
C PHE A 1068 -6.53 17.25 26.39
N THR A 1069 -6.35 18.57 26.55
CA THR A 1069 -5.32 19.28 25.81
C THR A 1069 -3.92 18.77 26.15
N LEU A 1070 -3.64 18.59 27.43
CA LEU A 1070 -2.35 18.07 27.87
C LEU A 1070 -2.06 16.70 27.26
N LEU A 1071 -3.05 15.81 27.27
CA LEU A 1071 -2.84 14.47 26.73
C LEU A 1071 -2.69 14.48 25.20
N CYS A 1072 -3.36 15.40 24.51
CA CYS A 1072 -3.16 15.48 23.07
C CYS A 1072 -1.76 15.99 22.75
N SER A 1073 -1.26 16.95 23.53
CA SER A 1073 0.11 17.40 23.33
C SER A 1073 1.10 16.26 23.60
N LEU A 1074 0.88 15.52 24.70
CA LEU A 1074 1.69 14.35 24.98
C LEU A 1074 1.65 13.36 23.82
N GLY A 1075 0.47 13.15 23.24
CA GLY A 1075 0.35 12.21 22.14
C GLY A 1075 1.12 12.64 20.91
N ILE A 1076 1.04 13.93 20.55
CA ILE A 1076 1.74 14.37 19.35
C ILE A 1076 3.25 14.33 19.57
N VAL A 1077 3.73 14.69 20.77
CA VAL A 1077 5.16 14.63 21.03
C VAL A 1077 5.64 13.18 20.97
N LEU A 1078 4.89 12.26 21.59
CA LEU A 1078 5.28 10.86 21.58
C LEU A 1078 5.28 10.29 20.17
N CYS A 1079 4.31 10.69 19.34
CA CYS A 1079 4.28 10.20 17.98
C CYS A 1079 5.45 10.73 17.16
N LEU A 1080 5.81 12.01 17.34
CA LEU A 1080 7.01 12.52 16.68
C LEU A 1080 8.24 11.75 17.11
N VAL A 1081 8.31 11.40 18.40
CA VAL A 1081 9.44 10.61 18.90
C VAL A 1081 9.50 9.27 18.20
N THR A 1082 8.38 8.56 18.14
CA THR A 1082 8.40 7.23 17.52
C THR A 1082 8.76 7.31 16.03
N SER A 1083 8.30 8.36 15.34
CA SER A 1083 8.63 8.51 13.92
C SER A 1083 10.13 8.74 13.72
N VAL A 1084 10.67 9.76 14.39
CA VAL A 1084 12.09 10.06 14.25
C VAL A 1084 12.94 8.86 14.67
N THR A 1085 12.48 8.11 15.66
CA THR A 1085 13.26 6.97 16.11
C THR A 1085 13.27 5.84 15.10
N VAL A 1086 12.12 5.53 14.49
CA VAL A 1086 12.13 4.46 13.49
C VAL A 1086 13.00 4.85 12.30
N GLU A 1087 12.99 6.13 11.90
CA GLU A 1087 13.82 6.51 10.77
C GLU A 1087 15.31 6.47 11.12
N TRP A 1088 15.67 6.96 12.31
CA TRP A 1088 17.07 6.90 12.74
C TRP A 1088 17.56 5.46 12.84
N THR A 1089 16.71 4.57 13.34
CA THR A 1089 17.06 3.15 13.42
C THR A 1089 17.28 2.56 12.04
N GLY A 1090 16.38 2.88 11.09
CA GLY A 1090 16.57 2.42 9.73
C GLY A 1090 17.92 2.84 9.16
N LEU A 1091 18.26 4.11 9.33
CA LEU A 1091 19.54 4.60 8.79
C LEU A 1091 20.72 3.89 9.44
N LYS A 1092 20.72 3.78 10.78
CA LYS A 1092 21.84 3.15 11.45
C LYS A 1092 22.01 1.70 11.01
N VAL A 1093 20.91 0.96 10.87
CA VAL A 1093 21.04 -0.44 10.47
C VAL A 1093 21.53 -0.55 9.03
N ALA A 1094 21.03 0.30 8.13
CA ALA A 1094 21.54 0.28 6.76
C ALA A 1094 23.05 0.49 6.74
N LYS A 1095 23.53 1.50 7.48
CA LYS A 1095 24.95 1.79 7.53
C LYS A 1095 25.75 0.58 8.01
N ARG A 1096 25.38 0.06 9.19
CA ARG A 1096 26.15 -1.05 9.77
C ARG A 1096 26.15 -2.26 8.84
N LEU A 1097 24.98 -2.62 8.31
CA LEU A 1097 24.89 -3.81 7.48
C LEU A 1097 25.73 -3.67 6.21
N HIS A 1098 25.62 -2.51 5.55
CA HIS A 1098 26.38 -2.31 4.31
C HIS A 1098 27.87 -2.37 4.57
N ARG A 1099 28.33 -1.70 5.64
CA ARG A 1099 29.76 -1.71 5.93
C ARG A 1099 30.26 -3.13 6.22
N SER A 1100 29.53 -3.87 7.06
CA SER A 1100 29.95 -5.23 7.38
C SER A 1100 29.97 -6.11 6.14
N LEU A 1101 28.97 -5.95 5.26
CA LEU A 1101 28.91 -6.74 4.04
C LEU A 1101 30.12 -6.47 3.14
N LEU A 1102 30.40 -5.19 2.90
CA LEU A 1102 31.53 -4.83 2.06
C LEU A 1102 32.83 -5.38 2.64
N ASN A 1103 33.03 -5.22 3.96
CA ASN A 1103 34.26 -5.70 4.56
C ASN A 1103 34.36 -7.22 4.50
N ARG A 1104 33.25 -7.92 4.68
CA ARG A 1104 33.29 -9.38 4.69
C ARG A 1104 33.45 -9.98 3.29
N ILE A 1105 33.10 -9.26 2.23
CA ILE A 1105 33.46 -9.76 0.90
C ILE A 1105 34.83 -9.30 0.45
N ILE A 1106 35.35 -8.22 1.01
CA ILE A 1106 36.74 -7.85 0.74
C ILE A 1106 37.67 -8.96 1.23
N LEU A 1107 37.39 -9.52 2.39
CA LEU A 1107 38.19 -10.60 2.96
C LEU A 1107 37.91 -11.97 2.33
N ALA A 1108 37.11 -12.03 1.27
CA ALA A 1108 36.75 -13.31 0.69
C ALA A 1108 37.91 -13.86 -0.15
N PRO A 1109 38.03 -15.18 -0.24
CA PRO A 1109 39.11 -15.78 -1.03
C PRO A 1109 38.77 -15.80 -2.50
N MET A 1110 39.76 -16.17 -3.31
CA MET A 1110 39.62 -16.11 -4.76
C MET A 1110 38.73 -17.23 -5.28
N ARG A 1111 38.83 -18.42 -4.70
CA ARG A 1111 37.98 -19.53 -5.13
C ARG A 1111 36.51 -19.18 -4.94
N PHE A 1112 36.18 -18.45 -3.88
CA PHE A 1112 34.81 -17.97 -3.70
C PHE A 1112 34.36 -17.14 -4.88
N PHE A 1113 35.18 -16.16 -5.29
CA PHE A 1113 34.80 -15.31 -6.42
C PHE A 1113 34.73 -16.08 -7.73
N GLU A 1114 35.57 -17.11 -7.89
CA GLU A 1114 35.52 -17.89 -9.12
C GLU A 1114 34.26 -18.75 -9.17
N THR A 1115 33.86 -19.33 -8.04
CA THR A 1115 32.66 -20.17 -8.02
C THR A 1115 31.39 -19.33 -8.04
N THR A 1116 31.34 -18.26 -7.24
CA THR A 1116 30.13 -17.45 -7.13
C THR A 1116 29.95 -16.61 -8.39
N PRO A 1117 28.73 -16.53 -8.92
CA PRO A 1117 28.49 -15.64 -10.07
C PRO A 1117 28.64 -14.18 -9.68
N LEU A 1118 29.28 -13.41 -10.57
CA LEU A 1118 29.44 -11.98 -10.33
C LEU A 1118 28.10 -11.28 -10.20
N GLY A 1119 27.09 -11.76 -10.95
CA GLY A 1119 25.77 -11.13 -10.91
C GLY A 1119 25.18 -11.10 -9.51
N SER A 1120 25.32 -12.20 -8.76
CA SER A 1120 24.71 -12.26 -7.43
C SER A 1120 25.44 -11.33 -6.45
N ILE A 1121 26.77 -11.35 -6.48
CA ILE A 1121 27.54 -10.50 -5.57
C ILE A 1121 27.26 -9.03 -5.84
N LEU A 1122 27.10 -8.66 -7.11
CA LEU A 1122 26.73 -7.28 -7.41
C LEU A 1122 25.28 -7.00 -7.06
N ASN A 1123 24.40 -7.98 -7.24
CA ASN A 1123 22.97 -7.80 -7.00
C ASN A 1123 22.67 -7.57 -5.53
N ARG A 1124 23.44 -8.18 -4.63
CA ARG A 1124 23.24 -7.94 -3.20
C ARG A 1124 23.47 -6.47 -2.85
N PHE A 1125 24.49 -5.84 -3.42
CA PHE A 1125 24.72 -4.42 -3.22
C PHE A 1125 23.81 -3.55 -4.05
N SER A 1126 23.25 -4.08 -5.15
CA SER A 1126 22.52 -3.27 -6.10
C SER A 1126 21.06 -3.12 -5.71
N SER A 1127 20.42 -4.22 -5.34
CA SER A 1127 18.98 -4.26 -5.09
C SER A 1127 18.62 -4.46 -3.63
N ASP A 1128 19.36 -5.29 -2.89
CA ASP A 1128 18.96 -5.59 -1.52
C ASP A 1128 19.41 -4.51 -0.54
N CYS A 1129 20.60 -3.94 -0.73
CA CYS A 1129 20.97 -2.79 0.08
C CYS A 1129 20.05 -1.61 -0.22
N ASN A 1130 19.59 -1.47 -1.45
CA ASN A 1130 18.58 -0.46 -1.76
C ASN A 1130 17.28 -0.74 -1.00
N THR A 1131 16.87 -2.01 -0.95
CA THR A 1131 15.66 -2.35 -0.20
C THR A 1131 15.80 -1.99 1.27
N ILE A 1132 16.91 -2.39 1.89
CA ILE A 1132 17.16 -2.04 3.29
C ILE A 1132 17.22 -0.52 3.47
N ASP A 1133 17.70 0.21 2.47
CA ASP A 1133 17.82 1.66 2.59
C ASP A 1133 16.46 2.33 2.54
N GLN A 1134 15.57 1.87 1.67
CA GLN A 1134 14.34 2.60 1.40
C GLN A 1134 13.09 1.96 1.98
N HIS A 1135 12.85 0.68 1.73
CA HIS A 1135 11.55 0.08 2.02
C HIS A 1135 11.45 -0.48 3.43
N ILE A 1136 12.51 -1.09 3.95
CA ILE A 1136 12.42 -1.73 5.27
C ILE A 1136 12.06 -0.74 6.38
N PRO A 1137 12.59 0.50 6.42
CA PRO A 1137 12.19 1.39 7.51
C PRO A 1137 10.70 1.72 7.51
N SER A 1138 10.18 2.21 6.37
CA SER A 1138 8.77 2.57 6.30
C SER A 1138 7.87 1.37 6.55
N THR A 1139 8.19 0.23 5.93
CA THR A 1139 7.34 -0.94 6.08
C THR A 1139 7.38 -1.50 7.49
N LEU A 1140 8.54 -1.49 8.13
CA LEU A 1140 8.62 -1.93 9.51
C LEU A 1140 7.83 -1.01 10.44
N GLU A 1141 7.97 0.31 10.24
CA GLU A 1141 7.19 1.27 11.02
C GLU A 1141 5.70 1.05 10.83
N CYS A 1142 5.25 0.85 9.60
CA CYS A 1142 3.82 0.69 9.36
C CYS A 1142 3.31 -0.65 9.84
N LEU A 1143 4.13 -1.70 9.81
CA LEU A 1143 3.69 -2.96 10.40
C LEU A 1143 3.54 -2.82 11.91
N SER A 1144 4.49 -2.13 12.55
CA SER A 1144 4.39 -1.86 13.98
C SER A 1144 3.10 -1.10 14.30
N ARG A 1145 2.83 -0.04 13.53
CA ARG A 1145 1.62 0.75 13.76
C ARG A 1145 0.36 -0.07 13.54
N SER A 1146 0.32 -0.87 12.47
CA SER A 1146 -0.87 -1.68 12.19
C SER A 1146 -1.13 -2.69 13.30
N THR A 1147 -0.09 -3.44 13.70
CA THR A 1147 -0.28 -4.44 14.73
C THR A 1147 -0.68 -3.80 16.05
N LEU A 1148 -0.02 -2.69 16.42
CA LEU A 1148 -0.34 -2.07 17.70
C LEU A 1148 -1.72 -1.44 17.69
N LEU A 1149 -2.15 -0.85 16.57
CA LEU A 1149 -3.49 -0.29 16.50
C LEU A 1149 -4.55 -1.39 16.55
N CYS A 1150 -4.29 -2.53 15.90
CA CYS A 1150 -5.23 -3.63 15.97
C CYS A 1150 -5.35 -4.15 17.40
N VAL A 1151 -4.22 -4.38 18.06
CA VAL A 1151 -4.25 -4.84 19.44
C VAL A 1151 -4.92 -3.81 20.33
N SER A 1152 -4.68 -2.52 20.07
CA SER A 1152 -5.28 -1.46 20.86
C SER A 1152 -6.80 -1.45 20.69
N ALA A 1153 -7.28 -1.59 19.46
CA ALA A 1153 -8.71 -1.60 19.22
C ALA A 1153 -9.38 -2.79 19.90
N LEU A 1154 -8.77 -3.97 19.79
CA LEU A 1154 -9.36 -5.13 20.45
C LEU A 1154 -9.33 -4.98 21.97
N THR A 1155 -8.26 -4.36 22.51
CA THR A 1155 -8.19 -4.11 23.95
C THR A 1155 -9.27 -3.13 24.39
N VAL A 1156 -9.51 -2.08 23.60
CA VAL A 1156 -10.54 -1.10 23.95
C VAL A 1156 -11.91 -1.76 23.97
N ILE A 1157 -12.27 -2.47 22.90
CA ILE A 1157 -13.60 -3.06 22.86
C ILE A 1157 -13.72 -4.29 23.73
N SER A 1158 -12.62 -4.77 24.31
CA SER A 1158 -12.74 -5.75 25.39
C SER A 1158 -12.92 -5.09 26.74
N TYR A 1159 -12.25 -3.95 26.97
CA TYR A 1159 -12.45 -3.24 28.24
C TYR A 1159 -13.85 -2.66 28.35
N VAL A 1160 -14.41 -2.19 27.23
CA VAL A 1160 -15.79 -1.72 27.26
C VAL A 1160 -16.74 -2.89 27.43
N THR A 1161 -16.43 -4.02 26.79
CA THR A 1161 -17.33 -5.17 26.73
C THR A 1161 -16.59 -6.44 27.15
N PRO A 1162 -16.71 -6.83 28.42
CA PRO A 1162 -16.01 -8.04 28.88
C PRO A 1162 -16.52 -9.31 28.24
N VAL A 1163 -17.75 -9.34 27.72
CA VAL A 1163 -18.26 -10.57 27.13
C VAL A 1163 -17.71 -10.78 25.72
N PHE A 1164 -17.42 -9.70 24.99
CA PHE A 1164 -16.89 -9.82 23.64
C PHE A 1164 -15.62 -10.68 23.61
N LEU A 1165 -14.84 -10.64 24.68
CA LEU A 1165 -13.61 -11.43 24.73
C LEU A 1165 -13.90 -12.90 24.46
N VAL A 1166 -15.00 -13.42 25.01
CA VAL A 1166 -15.36 -14.82 24.78
C VAL A 1166 -15.57 -15.07 23.29
N ALA A 1167 -16.24 -14.15 22.60
CA ALA A 1167 -16.44 -14.28 21.17
C ALA A 1167 -15.19 -13.95 20.37
N LEU A 1168 -14.19 -13.32 20.98
CA LEU A 1168 -12.99 -12.94 20.24
C LEU A 1168 -12.19 -14.15 19.78
N LEU A 1169 -12.14 -15.20 20.60
CA LEU A 1169 -11.30 -16.36 20.32
C LEU A 1169 -11.73 -17.15 19.07
N PRO A 1170 -13.02 -17.42 18.86
CA PRO A 1170 -13.42 -18.00 17.57
C PRO A 1170 -12.96 -17.15 16.40
N LEU A 1171 -13.40 -15.88 16.37
CA LEU A 1171 -13.00 -15.00 15.28
C LEU A 1171 -11.49 -14.97 15.14
N ALA A 1172 -10.77 -14.76 16.25
CA ALA A 1172 -9.32 -14.85 16.24
C ALA A 1172 -8.86 -16.06 15.43
N VAL A 1173 -9.30 -17.26 15.84
CA VAL A 1173 -8.93 -18.47 15.11
C VAL A 1173 -9.22 -18.29 13.62
N VAL A 1174 -10.48 -17.98 13.28
CA VAL A 1174 -10.82 -17.77 11.88
C VAL A 1174 -9.81 -16.82 11.24
N CYS A 1175 -9.65 -15.63 11.84
CA CYS A 1175 -8.70 -14.66 11.32
C CYS A 1175 -7.37 -15.33 11.02
N TYR A 1176 -6.75 -15.95 12.03
CA TYR A 1176 -5.47 -16.62 11.85
C TYR A 1176 -5.50 -17.49 10.62
N PHE A 1177 -6.45 -18.45 10.58
CA PHE A 1177 -6.49 -19.38 9.46
C PHE A 1177 -6.49 -18.62 8.14
N ILE A 1178 -7.44 -17.70 7.96
CA ILE A 1178 -7.52 -16.97 6.70
C ILE A 1178 -6.17 -16.35 6.40
N GLN A 1179 -5.64 -15.56 7.33
CA GLN A 1179 -4.34 -14.93 7.13
C GLN A 1179 -3.34 -15.94 6.60
N LYS A 1180 -3.16 -17.04 7.34
CA LYS A 1180 -2.18 -18.06 6.95
C LYS A 1180 -2.38 -18.45 5.50
N TYR A 1181 -3.58 -18.93 5.15
CA TYR A 1181 -3.77 -19.41 3.80
C TYR A 1181 -3.47 -18.31 2.80
N PHE A 1182 -4.02 -17.11 3.02
CA PHE A 1182 -3.75 -16.03 2.08
C PHE A 1182 -2.26 -15.90 1.87
N ARG A 1183 -1.49 -15.81 2.96
CA ARG A 1183 -0.06 -15.61 2.83
C ARG A 1183 0.54 -16.59 1.85
N VAL A 1184 0.32 -17.89 2.06
CA VAL A 1184 0.99 -18.85 1.19
C VAL A 1184 0.59 -18.63 -0.25
N ALA A 1185 -0.72 -18.54 -0.52
CA ALA A 1185 -1.15 -18.23 -1.88
C ALA A 1185 -0.52 -16.94 -2.34
N SER A 1186 -0.64 -15.88 -1.53
CA SER A 1186 -0.16 -14.57 -1.96
C SER A 1186 1.34 -14.59 -2.21
N ARG A 1187 2.08 -15.48 -1.55
CA ARG A 1187 3.50 -15.57 -1.87
C ARG A 1187 3.68 -16.17 -3.25
N ASP A 1188 3.13 -17.37 -3.48
CA ASP A 1188 3.34 -18.07 -4.75
C ASP A 1188 2.97 -17.18 -5.91
N LEU A 1189 1.69 -16.80 -5.99
CA LEU A 1189 1.23 -15.86 -7.00
C LEU A 1189 2.22 -14.71 -7.19
N GLN A 1190 2.60 -14.04 -6.10
CA GLN A 1190 3.47 -12.87 -6.24
C GLN A 1190 4.73 -13.24 -7.00
N GLN A 1191 5.44 -14.28 -6.53
CA GLN A 1191 6.63 -14.73 -7.24
C GLN A 1191 6.31 -14.99 -8.71
N LEU A 1192 5.26 -15.77 -8.97
CA LEU A 1192 4.87 -16.04 -10.34
C LEU A 1192 4.66 -14.73 -11.10
N ASP A 1193 3.89 -13.81 -10.51
CA ASP A 1193 3.60 -12.56 -11.21
C ASP A 1193 4.87 -11.81 -11.56
N ASP A 1194 5.88 -11.89 -10.69
CA ASP A 1194 7.15 -11.25 -11.04
C ASP A 1194 7.85 -12.02 -12.16
N THR A 1195 7.90 -13.35 -12.03
CA THR A 1195 8.74 -14.13 -12.93
C THR A 1195 8.20 -14.16 -14.35
N THR A 1196 6.91 -13.89 -14.56
CA THR A 1196 6.40 -13.81 -15.92
C THR A 1196 6.65 -12.46 -16.56
N GLN A 1197 6.97 -11.43 -15.77
CA GLN A 1197 7.20 -10.13 -16.39
C GLN A 1197 8.56 -10.05 -17.09
N LEU A 1198 9.54 -10.80 -16.61
CA LEU A 1198 10.86 -10.78 -17.24
C LEU A 1198 10.83 -11.24 -18.70
N PRO A 1199 10.14 -12.33 -19.08
CA PRO A 1199 10.00 -12.63 -20.52
C PRO A 1199 9.49 -11.45 -21.32
N LEU A 1200 8.37 -10.87 -20.90
CA LEU A 1200 7.68 -9.84 -21.68
C LEU A 1200 8.64 -8.72 -22.07
N LEU A 1201 9.15 -7.99 -21.08
CA LEU A 1201 10.15 -6.95 -21.37
C LEU A 1201 11.27 -7.51 -22.23
N SER A 1202 11.82 -8.66 -21.84
CA SER A 1202 12.87 -9.29 -22.63
C SER A 1202 12.46 -9.38 -24.09
N HIS A 1203 11.28 -9.96 -24.35
CA HIS A 1203 10.78 -10.08 -25.71
C HIS A 1203 10.81 -8.72 -26.41
N PHE A 1204 10.22 -7.70 -25.78
CA PHE A 1204 10.25 -6.36 -26.37
C PHE A 1204 11.65 -5.98 -26.78
N ALA A 1205 12.61 -6.08 -25.85
CA ALA A 1205 14.00 -5.78 -26.16
C ALA A 1205 14.42 -6.50 -27.44
N GLU A 1206 14.29 -7.83 -27.46
CA GLU A 1206 14.68 -8.61 -28.63
C GLU A 1206 14.06 -8.04 -29.90
N THR A 1207 12.74 -7.80 -29.86
CA THR A 1207 12.06 -7.36 -31.08
C THR A 1207 12.58 -6.02 -31.55
N VAL A 1208 12.99 -5.14 -30.63
CA VAL A 1208 13.53 -3.86 -31.07
C VAL A 1208 14.94 -4.03 -31.63
N GLU A 1209 15.70 -5.00 -31.12
CA GLU A 1209 17.07 -5.16 -31.58
C GLU A 1209 17.12 -5.81 -32.96
N GLY A 1210 16.41 -6.92 -33.14
CA GLY A 1210 16.40 -7.61 -34.41
C GLY A 1210 15.15 -7.35 -35.24
N LEU A 1211 14.70 -6.10 -35.26
CA LEU A 1211 13.47 -5.77 -35.97
C LEU A 1211 13.62 -5.98 -37.47
N THR A 1212 14.73 -5.49 -38.06
CA THR A 1212 14.91 -5.60 -39.50
C THR A 1212 14.99 -7.06 -39.94
N THR A 1213 15.55 -7.92 -39.10
CA THR A 1213 15.60 -9.35 -39.41
C THR A 1213 14.21 -9.98 -39.38
N ILE A 1214 13.39 -9.62 -38.38
CA ILE A 1214 12.06 -10.20 -38.28
C ILE A 1214 11.17 -9.75 -39.42
N ARG A 1215 11.30 -8.49 -39.84
CA ARG A 1215 10.52 -8.04 -40.99
C ARG A 1215 11.06 -8.59 -42.30
N ALA A 1216 12.37 -8.86 -42.36
CA ALA A 1216 12.92 -9.51 -43.54
C ALA A 1216 12.36 -10.93 -43.69
N PHE A 1217 12.29 -11.67 -42.58
CA PHE A 1217 11.76 -13.02 -42.60
C PHE A 1217 10.27 -13.10 -42.87
N ARG A 1218 9.55 -11.98 -42.81
CA ARG A 1218 8.09 -11.95 -42.77
C ARG A 1218 7.55 -12.80 -41.63
N TYR A 1219 8.29 -12.88 -40.53
CA TYR A 1219 7.90 -13.62 -39.33
C TYR A 1219 7.16 -12.75 -38.34
N GLU A 1220 6.45 -11.72 -38.82
CA GLU A 1220 5.85 -10.75 -37.92
C GLU A 1220 4.70 -11.35 -37.14
N ALA A 1221 3.89 -12.20 -37.79
CA ALA A 1221 2.72 -12.78 -37.12
C ALA A 1221 3.13 -13.75 -36.01
N ARG A 1222 4.15 -14.57 -36.25
CA ARG A 1222 4.63 -15.48 -35.21
C ARG A 1222 5.07 -14.70 -33.97
N PHE A 1223 5.78 -13.60 -34.17
CA PHE A 1223 6.28 -12.84 -33.02
C PHE A 1223 5.15 -12.11 -32.31
N GLN A 1224 4.17 -11.60 -33.06
CA GLN A 1224 3.01 -11.01 -32.41
C GLN A 1224 2.25 -12.06 -31.60
N GLN A 1225 2.20 -13.30 -32.09
CA GLN A 1225 1.59 -14.38 -31.34
C GLN A 1225 2.36 -14.67 -30.05
N LYS A 1226 3.69 -14.71 -30.13
CA LYS A 1226 4.49 -14.94 -28.94
C LYS A 1226 4.28 -13.81 -27.93
N LEU A 1227 4.14 -12.58 -28.41
CA LEU A 1227 3.88 -11.47 -27.49
C LEU A 1227 2.50 -11.58 -26.85
N LEU A 1228 1.49 -11.96 -27.62
CA LEU A 1228 0.17 -12.18 -27.02
C LEU A 1228 0.24 -13.25 -25.95
N GLU A 1229 0.97 -14.33 -26.20
CA GLU A 1229 1.08 -15.38 -25.18
C GLU A 1229 1.79 -14.89 -23.93
N TYR A 1230 2.89 -14.13 -24.10
CA TYR A 1230 3.62 -13.62 -22.94
C TYR A 1230 2.76 -12.66 -22.13
N THR A 1231 2.08 -11.73 -22.81
CA THR A 1231 1.27 -10.77 -22.07
C THR A 1231 0.05 -11.43 -21.46
N ASP A 1232 -0.45 -12.53 -22.04
CA ASP A 1232 -1.56 -13.24 -21.41
C ASP A 1232 -1.09 -13.99 -20.16
N SER A 1233 0.12 -14.55 -20.19
CA SER A 1233 0.67 -15.13 -18.96
C SER A 1233 0.81 -14.07 -17.87
N ASN A 1234 1.36 -12.90 -18.23
CA ASN A 1234 1.51 -11.85 -17.23
C ASN A 1234 0.16 -11.37 -16.71
N ASN A 1235 -0.84 -11.26 -17.59
CA ASN A 1235 -2.15 -10.79 -17.17
C ASN A 1235 -2.84 -11.80 -16.27
N ILE A 1236 -2.77 -13.09 -16.59
CA ILE A 1236 -3.42 -14.06 -15.72
C ILE A 1236 -2.73 -14.10 -14.37
N ALA A 1237 -1.40 -13.96 -14.34
CA ALA A 1237 -0.70 -13.91 -13.07
C ALA A 1237 -1.17 -12.72 -12.22
N SER A 1238 -1.15 -11.52 -12.81
CA SER A 1238 -1.51 -10.34 -12.03
C SER A 1238 -2.98 -10.37 -11.61
N LEU A 1239 -3.84 -10.92 -12.48
CA LEU A 1239 -5.26 -10.98 -12.17
C LEU A 1239 -5.54 -11.94 -11.03
N PHE A 1240 -4.89 -13.11 -11.02
CA PHE A 1240 -5.09 -14.02 -9.90
C PHE A 1240 -4.51 -13.43 -8.61
N LEU A 1241 -3.39 -12.73 -8.71
CA LEU A 1241 -2.84 -12.07 -7.53
C LEU A 1241 -3.83 -11.07 -6.94
N THR A 1242 -4.43 -10.24 -7.81
CA THR A 1242 -5.39 -9.25 -7.31
C THR A 1242 -6.66 -9.92 -6.80
N ALA A 1243 -7.06 -11.06 -7.38
CA ALA A 1243 -8.25 -11.74 -6.86
C ALA A 1243 -7.97 -12.34 -5.49
N ALA A 1244 -6.76 -12.85 -5.25
CA ALA A 1244 -6.43 -13.34 -3.91
C ALA A 1244 -6.40 -12.19 -2.91
N ASN A 1245 -5.88 -11.04 -3.31
CA ASN A 1245 -5.93 -9.86 -2.44
C ASN A 1245 -7.37 -9.50 -2.09
N ARG A 1246 -8.24 -9.44 -3.09
CA ARG A 1246 -9.64 -9.12 -2.85
C ARG A 1246 -10.28 -10.15 -1.92
N TRP A 1247 -9.97 -11.43 -2.12
CA TRP A 1247 -10.54 -12.45 -1.25
C TRP A 1247 -10.17 -12.20 0.21
N LEU A 1248 -8.87 -11.97 0.46
CA LEU A 1248 -8.44 -11.75 1.84
C LEU A 1248 -9.07 -10.49 2.43
N GLU A 1249 -9.13 -9.40 1.66
CA GLU A 1249 -9.65 -8.17 2.23
C GLU A 1249 -11.16 -8.26 2.46
N VAL A 1250 -11.89 -8.98 1.61
CA VAL A 1250 -13.31 -9.21 1.86
C VAL A 1250 -13.52 -10.03 3.12
N ARG A 1251 -12.73 -11.09 3.32
CA ARG A 1251 -12.91 -11.89 4.52
C ARG A 1251 -12.56 -11.11 5.78
N MET A 1252 -11.50 -10.31 5.73
CA MET A 1252 -11.16 -9.51 6.90
C MET A 1252 -12.20 -8.43 7.16
N GLU A 1253 -12.79 -7.88 6.12
CA GLU A 1253 -13.86 -6.91 6.35
C GLU A 1253 -15.10 -7.58 6.92
N TYR A 1254 -15.40 -8.82 6.53
CA TYR A 1254 -16.53 -9.52 7.14
C TYR A 1254 -16.25 -9.85 8.60
N ILE A 1255 -15.00 -10.19 8.94
CA ILE A 1255 -14.66 -10.41 10.33
C ILE A 1255 -14.82 -9.12 11.12
N GLY A 1256 -14.39 -8.00 10.54
CA GLY A 1256 -14.60 -6.71 11.19
C GLY A 1256 -16.07 -6.39 11.38
N ALA A 1257 -16.91 -6.77 10.41
CA ALA A 1257 -18.34 -6.54 10.53
C ALA A 1257 -18.95 -7.38 11.65
N CYS A 1258 -18.53 -8.65 11.77
CA CYS A 1258 -19.01 -9.45 12.89
C CYS A 1258 -18.55 -8.87 14.22
N VAL A 1259 -17.32 -8.37 14.28
CA VAL A 1259 -16.82 -7.79 15.53
C VAL A 1259 -17.62 -6.55 15.90
N VAL A 1260 -17.89 -5.67 14.93
CA VAL A 1260 -18.64 -4.46 15.28
C VAL A 1260 -20.07 -4.81 15.67
N LEU A 1261 -20.66 -5.83 15.06
CA LEU A 1261 -22.01 -6.24 15.47
C LEU A 1261 -22.01 -6.76 16.90
N ILE A 1262 -21.03 -7.61 17.25
CA ILE A 1262 -20.98 -8.16 18.61
C ILE A 1262 -20.79 -7.03 19.62
N ALA A 1263 -19.84 -6.13 19.35
CA ALA A 1263 -19.57 -5.05 20.28
C ALA A 1263 -20.80 -4.16 20.45
N ALA A 1264 -21.43 -3.77 19.34
CA ALA A 1264 -22.63 -2.95 19.41
C ALA A 1264 -23.71 -3.62 20.25
N ALA A 1265 -24.07 -4.86 19.89
CA ALA A 1265 -25.12 -5.57 20.61
C ALA A 1265 -24.83 -5.61 22.10
N THR A 1266 -23.65 -6.10 22.47
CA THR A 1266 -23.37 -6.35 23.89
C THR A 1266 -23.23 -5.06 24.68
N SER A 1267 -22.64 -4.01 24.09
CA SER A 1267 -22.50 -2.77 24.83
C SER A 1267 -23.83 -2.05 24.97
N ILE A 1268 -24.64 -2.02 23.90
CA ILE A 1268 -25.98 -1.46 24.02
C ILE A 1268 -26.79 -2.24 25.05
N SER A 1269 -26.55 -3.55 25.15
CA SER A 1269 -27.23 -4.34 26.17
C SER A 1269 -26.80 -3.89 27.56
N ASN A 1270 -25.49 -3.91 27.83
CA ASN A 1270 -25.01 -3.60 29.17
C ASN A 1270 -25.41 -2.20 29.61
N SER A 1271 -25.60 -1.27 28.67
CA SER A 1271 -25.96 0.10 29.01
C SER A 1271 -27.47 0.35 28.98
N LEU A 1272 -28.27 -0.65 28.64
CA LEU A 1272 -29.72 -0.46 28.58
C LEU A 1272 -30.40 -0.97 29.85
N ALA A 1278 -22.20 4.97 29.07
CA ALA A 1278 -22.76 5.58 27.87
C ALA A 1278 -21.66 5.95 26.90
N GLY A 1279 -20.82 6.90 27.31
CA GLY A 1279 -19.67 7.27 26.47
C GLY A 1279 -18.75 6.11 26.21
N LEU A 1280 -18.62 5.19 27.17
CA LEU A 1280 -17.84 3.97 26.93
C LEU A 1280 -18.45 3.14 25.81
N VAL A 1281 -19.78 3.16 25.67
CA VAL A 1281 -20.41 2.46 24.57
C VAL A 1281 -19.99 3.08 23.23
N GLY A 1282 -19.94 4.41 23.17
CA GLY A 1282 -19.45 5.05 21.96
C GLY A 1282 -18.00 4.72 21.66
N LEU A 1283 -17.17 4.67 22.70
CA LEU A 1283 -15.77 4.27 22.52
C LEU A 1283 -15.66 2.89 21.89
N GLY A 1284 -16.31 1.90 22.52
CA GLY A 1284 -16.32 0.56 21.97
C GLY A 1284 -16.87 0.53 20.56
N LEU A 1285 -17.90 1.33 20.28
CA LEU A 1285 -18.52 1.32 18.97
C LEU A 1285 -17.55 1.81 17.89
N THR A 1286 -16.86 2.93 18.14
CA THR A 1286 -15.93 3.42 17.13
C THR A 1286 -14.81 2.40 16.88
N TYR A 1287 -14.20 1.91 17.97
CA TYR A 1287 -13.05 1.03 17.77
C TYR A 1287 -13.45 -0.27 17.06
N ALA A 1288 -14.54 -0.90 17.50
CA ALA A 1288 -15.00 -2.09 16.82
C ALA A 1288 -15.48 -1.77 15.40
N LEU A 1289 -15.92 -0.53 15.16
CA LEU A 1289 -16.29 -0.14 13.81
C LEU A 1289 -15.10 -0.23 12.87
N MET A 1290 -13.94 0.26 13.31
CA MET A 1290 -12.82 0.36 12.39
C MET A 1290 -11.75 -0.71 12.58
N VAL A 1291 -12.00 -1.74 13.39
CA VAL A 1291 -11.04 -2.85 13.50
C VAL A 1291 -10.71 -3.49 12.16
N SER A 1292 -11.64 -3.46 11.20
CA SER A 1292 -11.43 -4.17 9.93
C SER A 1292 -10.27 -3.57 9.13
N ASN A 1293 -10.18 -2.24 9.10
CA ASN A 1293 -9.08 -1.57 8.41
C ASN A 1293 -7.74 -1.97 9.02
N TYR A 1294 -7.64 -1.87 10.34
CA TYR A 1294 -6.43 -2.32 11.02
C TYR A 1294 -6.08 -3.74 10.63
N LEU A 1295 -7.09 -4.62 10.57
CA LEU A 1295 -6.81 -6.03 10.29
C LEU A 1295 -6.27 -6.24 8.89
N ASN A 1296 -6.97 -5.75 7.87
CA ASN A 1296 -6.48 -6.05 6.52
C ASN A 1296 -5.22 -5.25 6.20
N TRP A 1297 -5.07 -4.04 6.74
CA TRP A 1297 -3.83 -3.31 6.60
C TRP A 1297 -2.67 -4.05 7.25
N MET A 1298 -2.90 -4.65 8.41
CA MET A 1298 -1.84 -5.38 9.11
C MET A 1298 -1.45 -6.64 8.37
N VAL A 1299 -2.41 -7.35 7.78
CA VAL A 1299 -2.03 -8.57 7.06
C VAL A 1299 -1.37 -8.24 5.73
N ARG A 1300 -1.82 -7.18 5.05
CA ARG A 1300 -1.09 -6.70 3.88
C ARG A 1300 0.33 -6.31 4.24
N ASN A 1301 0.51 -5.62 5.38
CA ASN A 1301 1.85 -5.22 5.78
C ASN A 1301 2.70 -6.40 6.21
N LEU A 1302 2.11 -7.45 6.77
CA LEU A 1302 2.89 -8.63 7.10
C LEU A 1302 3.38 -9.34 5.84
N ALA A 1303 2.51 -9.46 4.84
CA ALA A 1303 2.93 -10.02 3.56
C ALA A 1303 4.00 -9.16 2.92
N ASP A 1304 3.82 -7.84 2.94
CA ASP A 1304 4.80 -6.89 2.44
C ASP A 1304 6.09 -6.91 3.25
N MET A 1305 6.02 -7.37 4.50
CA MET A 1305 7.16 -7.35 5.39
C MET A 1305 8.05 -8.57 5.19
N GLU A 1306 7.45 -9.76 5.04
CA GLU A 1306 8.27 -10.96 4.91
C GLU A 1306 9.11 -10.94 3.63
N ILE A 1307 8.52 -10.50 2.51
CA ILE A 1307 9.25 -10.47 1.24
C ILE A 1307 10.43 -9.51 1.34
N GLN A 1308 10.22 -8.33 1.91
CA GLN A 1308 11.30 -7.36 2.04
C GLN A 1308 12.36 -7.83 3.03
N LEU A 1309 11.95 -8.58 4.06
CA LEU A 1309 12.90 -9.11 5.03
C LEU A 1309 13.74 -10.24 4.45
N GLY A 1310 13.23 -10.93 3.42
CA GLY A 1310 14.06 -11.90 2.73
C GLY A 1310 15.36 -11.32 2.19
N ALA A 1311 15.33 -10.04 1.80
CA ALA A 1311 16.54 -9.38 1.32
C ALA A 1311 17.58 -9.27 2.43
N VAL A 1312 17.15 -8.84 3.63
CA VAL A 1312 18.07 -8.80 4.77
C VAL A 1312 18.57 -10.20 5.09
N LYS A 1313 17.70 -11.21 4.96
CA LYS A 1313 18.11 -12.58 5.23
C LYS A 1313 19.24 -13.01 4.30
N ARG A 1314 19.12 -12.74 3.01
CA ARG A 1314 20.15 -13.19 2.08
C ARG A 1314 21.39 -12.32 2.13
N ILE A 1315 21.25 -11.04 2.49
CA ILE A 1315 22.43 -10.22 2.77
C ILE A 1315 23.23 -10.83 3.91
N HIS A 1316 22.56 -11.21 5.00
CA HIS A 1316 23.25 -11.86 6.11
C HIS A 1316 23.78 -13.22 5.70
N ALA A 1317 23.10 -13.91 4.78
CA ALA A 1317 23.59 -15.18 4.27
C ALA A 1317 24.94 -15.00 3.59
N LEU A 1318 25.04 -14.03 2.69
CA LEU A 1318 26.31 -13.74 2.05
C LEU A 1318 27.34 -13.20 3.03
N LEU A 1319 26.89 -12.52 4.09
CA LEU A 1319 27.80 -11.97 5.09
C LEU A 1319 28.68 -13.01 5.75
N LYS A 1320 28.28 -14.30 5.72
CA LYS A 1320 28.97 -15.34 6.45
C LYS A 1320 29.95 -16.13 5.58
N THR A 1321 30.36 -15.59 4.44
CA THR A 1321 31.33 -16.29 3.62
C THR A 1321 32.69 -16.35 4.32
N GLU A 1322 33.48 -17.35 3.93
CA GLU A 1322 34.78 -17.57 4.55
C GLU A 1322 35.72 -16.41 4.24
N ALA A 1323 36.69 -16.20 5.13
CA ALA A 1323 37.66 -15.12 4.99
C ALA A 1323 39.06 -15.68 5.09
N GLU A 1324 39.98 -15.12 4.30
CA GLU A 1324 41.37 -15.53 4.33
C GLU A 1324 42.07 -14.93 5.55
N SER A 1325 42.87 -15.76 6.22
CA SER A 1325 43.55 -15.35 7.46
C SER A 1325 44.71 -14.41 7.13
N TYR A 1326 44.35 -13.20 6.70
CA TYR A 1326 45.33 -12.18 6.36
C TYR A 1326 45.86 -11.50 7.62
C9 BJX B . -7.47 2.38 -0.73
C10 BJX B . -2.63 4.43 -3.34
C11 BJX B . -5.30 5.30 -3.39
C12 BJX B . -8.30 3.65 -0.87
C13 BJX B . -7.31 1.98 0.73
C14 BJX B . -2.94 5.75 -3.65
C15 BJX B . -4.26 6.18 -3.68
C16 BJX B . -7.28 1.93 -4.61
C17 BJX B . -7.15 0.91 -5.72
C18 BJX B . -6.37 -0.32 -5.33
C19 BJX B . -6.57 -0.94 -4.10
C20 BJX B . -5.46 -0.83 -6.24
C8 BJX B . -6.10 2.54 -1.36
C7 BJX B . -5.03 3.98 -3.07
C6 BJX B . -3.62 3.50 -3.04
C5 BJX B . -6.20 3.09 -2.77
C4 BJX B . -2.29 -0.46 -2.08
C3 BJX B . -2.08 0.22 -3.42
C2 BJX B . -3.08 0.43 -1.12
C1 BJX B . -3.22 1.17 -3.77
O1 BJX B . -6.01 -2.72 -2.57
O2 BJX B . -4.68 -4.89 -3.90
N BJX B . -3.22 2.20 -2.73
C BJX B . -2.76 1.90 -1.38
O BJX B . -8.27 2.61 -4.54
C21 BJX B . -5.84 -2.07 -3.78
C22 BJX B . -4.72 -1.96 -5.97
C23 BJX B . -4.88 -2.60 -4.76
C24 BJX B . -4.08 -3.83 -4.46
C25 BJX B . -5.57 -2.15 -1.34
C26 BJX B . -6.73 -1.52 -0.61
N1 BJX B . -6.26 2.03 -3.75
O3 BJX B . -2.89 -3.87 -4.69
C01 AJP C . -4.02 7.61 14.65
C02 AJP C . -5.52 7.80 14.41
C03 AJP C . -5.78 8.64 13.15
C04 AJP C . -6.53 7.84 12.08
C05 AJP C . -5.87 6.47 11.94
C06 AJP C . -6.47 5.63 10.79
C07 AJP C . -5.19 5.28 10.02
C08 AJP C . -4.35 6.51 10.26
O09 AJP C . -4.48 6.67 11.66
C10 AJP C . -3.01 6.13 9.67
C11 AJP C . -3.40 5.04 8.68
C12 AJP C . -4.92 5.09 8.54
C13 AJP C . -5.34 3.75 7.96
C14 AJP C . -4.72 3.58 6.57
C15 AJP C . -3.20 3.81 6.52
C16 AJP C . -2.76 5.05 7.30
C17 AJP C . -1.23 5.09 7.35
C18 AJP C . -0.76 5.31 5.94
C19 AJP C . -1.23 4.15 5.06
C20 AJP C . -2.75 3.97 5.09
C21 AJP C . -3.09 2.72 4.29
C22 AJP C . -2.63 2.87 2.85
C23 AJP C . -1.13 3.18 2.80
C24 AJP C . -0.78 4.41 3.64
O25 AJP C . -0.75 3.48 1.47
C26 AJP C . 0.64 3.80 1.40
C27 AJP C . 0.92 4.47 0.05
C28 AJP C . 1.26 3.46 -1.04
C29 AJP C . 0.74 2.06 -0.70
C30 AJP C . 1.28 1.56 0.64
O31 AJP C . 1.47 2.64 1.58
C32 AJP C . 0.40 0.50 1.31
O33 AJP C . 0.36 -0.70 0.53
O34 AJP C . 0.96 1.14 -1.79
C35 AJP C . 2.32 0.95 -2.19
C36 AJP C . 2.37 0.37 -3.60
C37 AJP C . 3.81 0.31 -4.10
C38 AJP C . 4.82 0.15 -2.96
C39 AJP C . 4.23 -0.53 -1.72
O40 AJP C . 2.94 -0.02 -1.34
C41 AJP C . 4.17 -2.05 -1.86
O42 AJP C . 3.15 -2.58 -1.01
O43 AJP C . 5.38 1.42 -2.61
O44 AJP C . 3.94 -0.79 -4.98
C45 AJP C . 3.55 -0.48 -6.33
C46 AJP C . 4.05 -1.59 -7.23
C47 AJP C . 3.72 -1.27 -8.69
C48 AJP C . 4.22 0.12 -9.05
C49 AJP C . 3.73 1.16 -8.04
O50 AJP C . 4.12 0.77 -6.73
O51 AJP C . 3.72 0.45 -10.35
O52 AJP C . 4.36 -2.22 -9.55
O53 AJP C . 3.45 -2.82 -6.85
O54 AJP C . 1.52 1.09 -4.52
C55 AJP C . 1.71 2.50 -4.62
C56 AJP C . 0.41 3.10 -5.16
C57 AJP C . 0.54 3.40 -6.65
C58 AJP C . 1.68 4.37 -6.92
C59 AJP C . 2.83 4.16 -5.93
O60 AJP C . 2.80 2.81 -5.49
C61 AJP C . 4.18 4.47 -6.57
O62 AJP C . 4.27 5.88 -6.85
O63 AJP C . 1.20 5.72 -6.84
O64 AJP C . 0.80 2.16 -7.31
O76 AJP C . 0.10 4.30 -4.44
O77 AJP C . 0.64 3.97 -2.20
O78 AJP C . 1.98 5.41 0.18
O79 AJP C . -2.86 1.64 2.15
C80 AJP C . -3.46 5.18 4.47
C81 AJP C . -5.32 6.24 7.63
O82 AJP C . -2.48 7.29 9.02
C83 AJP C . -7.60 6.35 10.05
O84 AJP C . -5.95 5.71 13.15
C85 AJP C . -6.28 6.47 14.33
#